data_8U32
#
_entry.id   8U32
#
_cell.length_a   76.482
_cell.length_b   88.881
_cell.length_c   235.859
_cell.angle_alpha   90.000
_cell.angle_beta   90.000
_cell.angle_gamma   90.000
#
_symmetry.space_group_name_H-M   'P 21 21 21'
#
loop_
_entity.id
_entity.type
_entity.pdbx_description
1 polymer 'Programmed cell death protein 1'
2 polymer 'Fab light chain'
3 polymer 'Fab heavy chain'
4 non-polymer 2-acetamido-2-deoxy-beta-D-glucopyranose
5 water water
#
loop_
_entity_poly.entity_id
_entity_poly.type
_entity_poly.pdbx_seq_one_letter_code
_entity_poly.pdbx_strand_id
1 'polypeptide(L)'
;HHHHHHGENLYFQGSLDSPDRPWNPPTFSPALLVVTEGDNATFTCSFSNTSESFVLNWYRMSPSNQTDKLAAFPEDRSQP
GQDSRFRVTQLPNGRDFHMSVVRARRNDSGTYLCGAISLAPKAQIKESLRAELRVTEGNS
;
A,D
2 'polypeptide(L)'
;AAQLTQSPSSLSASVGDRVTITCQSSQSVYNNNDLAWYQQKPGKPPKLLIYTPSSLTSGVPSRFSGSGSGTDFTLTISSL
QPEDFATYYCLGGYDDDSDNAFGGGTKVEIKRTVAAPSVFIFPPSDEQLKSGTASVVCLLNNFYPREAKVQWKVDNALQS
GNSQESVTEQDSKDSTYSLSSTLTLSKADYEKHKVYACEVTHQGLSSPVTKSFNRGEC
;
B,E
3 'polypeptide(L)'
;EQQLVESGGGVVQPGRSLRLSCAASGFSFSSTYWLSWVRQAPGKGLEWIAAIYVGSSGNTYYANWAKGRFTISKDSSSTT
VFLQMNSLRAEDTAVYFCARAGGAGGGVYTLTRLDLWGQGTLVTVSSASTKGPSVFPLAPSSKSTSGGTAALGCLVKDYF
PEPVTVSWNSGALTSGVHTFPAVLQSSGLYSLSSVVTVPSSSLGTQTYICNVNHKPSNTKVDKKVEPKS
;
C,F
#
loop_
_chem_comp.id
_chem_comp.type
_chem_comp.name
_chem_comp.formula
NAG D-saccharide, beta linking 2-acetamido-2-deoxy-beta-D-glucopyranose 'C8 H15 N O6'
#
# COMPACT_ATOMS: atom_id res chain seq x y z
N PRO A 22 -23.08 -16.73 -13.75
CA PRO A 22 -22.77 -16.99 -15.16
C PRO A 22 -21.31 -17.36 -15.41
N TRP A 23 -20.46 -17.30 -14.38
CA TRP A 23 -19.07 -17.71 -14.59
C TRP A 23 -18.93 -19.23 -14.61
N ASN A 24 -19.74 -19.94 -13.81
CA ASN A 24 -19.77 -21.40 -13.79
C ASN A 24 -18.38 -21.95 -13.56
N PRO A 25 -17.87 -21.90 -12.33
CA PRO A 25 -16.58 -22.51 -12.04
C PRO A 25 -16.74 -23.99 -11.75
N PRO A 26 -15.68 -24.78 -11.95
CA PRO A 26 -15.73 -26.20 -11.59
C PRO A 26 -16.01 -26.41 -10.11
N THR A 27 -16.50 -27.60 -9.79
CA THR A 27 -16.76 -28.02 -8.42
C THR A 27 -15.69 -29.01 -7.99
N PHE A 28 -15.45 -29.06 -6.68
CA PHE A 28 -14.41 -29.88 -6.05
C PHE A 28 -15.10 -30.67 -4.96
N SER A 29 -15.39 -31.97 -5.23
CA SER A 29 -16.26 -32.79 -4.40
C SER A 29 -15.43 -33.68 -3.47
N PRO A 30 -15.82 -33.85 -2.19
CA PRO A 30 -16.81 -33.15 -1.36
C PRO A 30 -16.12 -32.02 -0.62
N ALA A 31 -16.86 -31.17 0.11
CA ALA A 31 -16.18 -30.11 0.85
C ALA A 31 -15.19 -30.67 1.86
N LEU A 32 -15.41 -31.89 2.36
CA LEU A 32 -14.50 -32.53 3.31
C LEU A 32 -14.35 -34.03 3.08
N LEU A 33 -13.11 -34.45 2.79
CA LEU A 33 -12.66 -35.84 2.90
C LEU A 33 -12.09 -36.08 4.28
N VAL A 34 -12.60 -37.09 4.98
CA VAL A 34 -11.94 -37.63 6.15
C VAL A 34 -11.43 -39.01 5.76
N VAL A 35 -10.15 -39.26 6.01
CA VAL A 35 -9.51 -40.54 5.72
C VAL A 35 -8.57 -40.89 6.87
N THR A 36 -8.02 -42.08 6.81
CA THR A 36 -7.00 -42.52 7.74
C THR A 36 -5.64 -42.56 7.04
N GLU A 37 -4.57 -42.34 7.79
CA GLU A 37 -3.24 -42.24 7.19
C GLU A 37 -2.87 -43.54 6.47
N GLY A 38 -2.35 -43.41 5.24
CA GLY A 38 -2.01 -44.55 4.44
C GLY A 38 -3.10 -45.01 3.48
N ASP A 39 -4.11 -44.17 3.23
CA ASP A 39 -5.33 -44.54 2.53
C ASP A 39 -5.51 -43.70 1.27
N ASN A 40 -6.20 -44.26 0.27
CA ASN A 40 -6.47 -43.50 -0.95
C ASN A 40 -7.51 -42.41 -0.67
N ALA A 41 -7.16 -41.17 -0.99
CA ALA A 41 -8.06 -40.03 -0.85
C ALA A 41 -8.37 -39.45 -2.22
N THR A 42 -9.66 -39.40 -2.58
CA THR A 42 -10.11 -39.01 -3.91
C THR A 42 -11.05 -37.80 -3.85
N PHE A 43 -10.58 -36.66 -4.36
CA PHE A 43 -11.48 -35.57 -4.68
C PHE A 43 -11.99 -35.77 -6.09
N THR A 44 -13.07 -35.07 -6.43
CA THR A 44 -13.58 -35.14 -7.79
C THR A 44 -14.01 -33.75 -8.28
N CYS A 45 -13.26 -33.27 -9.28
CA CYS A 45 -13.40 -31.94 -9.88
C CYS A 45 -14.23 -32.05 -11.16
N SER A 46 -15.29 -31.25 -11.25
CA SER A 46 -16.22 -31.31 -12.37
C SER A 46 -16.15 -30.00 -13.14
N PHE A 47 -15.76 -30.10 -14.41
CA PHE A 47 -15.65 -28.94 -15.30
C PHE A 47 -16.67 -29.25 -16.39
N SER A 48 -17.81 -28.57 -16.33
CA SER A 48 -18.96 -28.96 -17.13
C SER A 48 -18.73 -28.70 -18.60
N ASN A 49 -18.92 -29.75 -19.41
CA ASN A 49 -18.76 -29.72 -20.86
C ASN A 49 -17.42 -29.07 -21.19
N THR A 50 -17.42 -28.16 -22.16
CA THR A 50 -16.29 -27.26 -22.41
C THR A 50 -14.97 -28.05 -22.44
N SER A 51 -14.92 -29.06 -23.30
CA SER A 51 -13.81 -30.00 -23.35
C SER A 51 -13.03 -29.93 -24.67
N GLU A 52 -12.90 -28.74 -25.25
CA GLU A 52 -12.27 -28.61 -26.55
C GLU A 52 -10.82 -28.12 -26.50
N SER A 53 -10.44 -27.32 -25.51
CA SER A 53 -9.05 -26.83 -25.40
C SER A 53 -8.87 -26.28 -23.97
N PHE A 54 -8.38 -27.14 -23.06
CA PHE A 54 -8.31 -26.75 -21.67
C PHE A 54 -7.26 -27.57 -20.91
N VAL A 55 -6.82 -27.01 -19.78
CA VAL A 55 -5.88 -27.65 -18.87
C VAL A 55 -6.50 -27.58 -17.48
N LEU A 56 -6.38 -28.64 -16.70
CA LEU A 56 -7.01 -28.70 -15.39
C LEU A 56 -5.94 -28.94 -14.33
N ASN A 57 -5.77 -27.99 -13.42
CA ASN A 57 -4.76 -28.07 -12.38
C ASN A 57 -5.34 -28.41 -11.02
N TRP A 58 -4.58 -29.22 -10.27
CA TRP A 58 -4.89 -29.58 -8.90
C TRP A 58 -3.96 -28.84 -7.96
N TYR A 59 -4.53 -28.04 -7.06
CA TYR A 59 -3.74 -27.20 -6.16
C TYR A 59 -3.99 -27.59 -4.70
N ARG A 60 -3.01 -27.27 -3.88
CA ARG A 60 -3.12 -27.29 -2.42
C ARG A 60 -2.63 -25.95 -1.90
N MET A 61 -3.36 -25.38 -0.95
CA MET A 61 -2.94 -24.13 -0.34
C MET A 61 -1.97 -24.41 0.80
N SER A 62 -0.97 -23.56 0.94
CA SER A 62 0.02 -23.71 1.99
C SER A 62 -0.34 -22.77 3.13
N PRO A 63 0.32 -22.88 4.29
CA PRO A 63 0.00 -21.97 5.40
C PRO A 63 -0.14 -20.52 4.98
N SER A 64 0.81 -20.04 4.18
CA SER A 64 0.81 -18.67 3.70
C SER A 64 -0.20 -18.35 2.59
N ASN A 65 -1.24 -19.19 2.37
CA ASN A 65 -2.23 -18.91 1.29
C ASN A 65 -1.63 -18.74 -0.09
N GLN A 66 -0.62 -19.58 -0.38
CA GLN A 66 -0.03 -19.72 -1.70
C GLN A 66 -0.54 -21.01 -2.33
N THR A 67 -0.53 -21.05 -3.66
CA THR A 67 -1.15 -22.12 -4.42
C THR A 67 -0.07 -22.99 -5.07
N ASP A 68 -0.05 -24.27 -4.70
CA ASP A 68 0.97 -25.21 -5.17
C ASP A 68 0.31 -26.22 -6.09
N LYS A 69 0.84 -26.36 -7.31
CA LYS A 69 0.30 -27.33 -8.23
C LYS A 69 0.75 -28.73 -7.80
N LEU A 70 -0.16 -29.70 -7.87
CA LEU A 70 0.10 -31.08 -7.49
C LEU A 70 0.08 -32.02 -8.68
N ALA A 71 -0.79 -31.78 -9.65
CA ALA A 71 -0.87 -32.53 -10.89
C ALA A 71 -1.73 -31.70 -11.84
N ALA A 72 -1.85 -32.17 -13.07
CA ALA A 72 -2.67 -31.50 -14.07
C ALA A 72 -3.22 -32.58 -14.97
N PHE A 73 -4.37 -32.32 -15.59
CA PHE A 73 -4.99 -33.39 -16.38
C PHE A 73 -4.16 -33.76 -17.60
N PRO A 74 -3.75 -32.85 -18.48
CA PRO A 74 -2.85 -33.26 -19.56
C PRO A 74 -1.47 -33.74 -19.10
N GLU A 75 -1.17 -33.74 -17.80
CA GLU A 75 0.02 -34.43 -17.26
C GLU A 75 1.33 -33.96 -17.92
N SER A 84 4.95 -39.83 -8.27
CA SER A 84 3.61 -39.94 -8.86
C SER A 84 2.54 -39.94 -7.77
N ARG A 85 2.74 -39.16 -6.72
CA ARG A 85 1.87 -39.28 -5.54
C ARG A 85 0.48 -38.74 -5.79
N PHE A 86 0.34 -37.77 -6.69
CA PHE A 86 -0.94 -37.12 -6.96
C PHE A 86 -1.34 -37.37 -8.41
N ARG A 87 -2.38 -38.17 -8.61
CA ARG A 87 -2.82 -38.54 -9.95
C ARG A 87 -4.14 -37.86 -10.25
N VAL A 88 -4.26 -37.33 -11.47
CA VAL A 88 -5.49 -36.77 -11.99
C VAL A 88 -5.90 -37.63 -13.18
N THR A 89 -7.10 -38.19 -13.11
CA THR A 89 -7.60 -39.09 -14.14
C THR A 89 -8.98 -38.62 -14.60
N GLN A 90 -9.19 -38.61 -15.91
CA GLN A 90 -10.48 -38.18 -16.46
C GLN A 90 -11.49 -39.31 -16.36
N LEU A 91 -12.72 -38.96 -16.15
CA LEU A 91 -13.75 -39.98 -16.02
C LEU A 91 -14.47 -40.16 -17.34
N PRO A 92 -15.13 -41.31 -17.54
CA PRO A 92 -15.87 -41.49 -18.81
C PRO A 92 -16.80 -40.34 -19.08
N ASN A 93 -17.14 -39.57 -18.05
CA ASN A 93 -18.19 -38.57 -18.19
C ASN A 93 -17.85 -37.60 -19.30
N GLY A 94 -16.57 -37.25 -19.40
CA GLY A 94 -16.12 -36.06 -20.13
C GLY A 94 -15.92 -34.92 -19.12
N ARG A 95 -16.91 -34.68 -18.23
CA ARG A 95 -16.92 -33.46 -17.41
C ARG A 95 -16.30 -33.66 -16.02
N ASP A 96 -16.22 -34.90 -15.54
CA ASP A 96 -15.78 -35.22 -14.18
C ASP A 96 -14.35 -35.74 -14.16
N PHE A 97 -13.58 -35.33 -13.15
CA PHE A 97 -12.17 -35.71 -13.01
C PHE A 97 -11.88 -36.17 -11.59
N HIS A 98 -11.14 -37.27 -11.48
CA HIS A 98 -10.73 -37.80 -10.18
C HIS A 98 -9.35 -37.27 -9.82
N MET A 99 -9.24 -36.62 -8.67
CA MET A 99 -7.97 -36.08 -8.21
C MET A 99 -7.64 -36.73 -6.88
N SER A 100 -6.66 -37.64 -6.87
CA SER A 100 -6.48 -38.56 -5.77
C SER A 100 -5.03 -38.62 -5.28
N VAL A 101 -4.88 -38.61 -3.96
CA VAL A 101 -3.60 -38.81 -3.27
C VAL A 101 -3.42 -40.31 -3.02
N VAL A 102 -2.28 -40.86 -3.44
CA VAL A 102 -2.11 -42.31 -3.44
C VAL A 102 -1.80 -42.85 -2.04
N ARG A 103 -0.73 -42.38 -1.41
CA ARG A 103 -0.36 -42.84 -0.06
C ARG A 103 -0.61 -41.69 0.89
N ALA A 104 -1.80 -41.67 1.50
CA ALA A 104 -2.14 -40.57 2.40
C ALA A 104 -1.14 -40.49 3.54
N ARG A 105 -0.95 -39.27 4.04
CA ARG A 105 -0.08 -38.98 5.16
C ARG A 105 -0.79 -37.99 6.05
N ARG A 106 -0.18 -37.65 7.18
CA ARG A 106 -0.75 -36.63 8.05
C ARG A 106 -0.24 -35.23 7.73
N ASN A 107 0.89 -35.11 7.02
CA ASN A 107 1.32 -33.80 6.54
C ASN A 107 0.88 -33.51 5.11
N ASP A 108 0.37 -34.53 4.40
CA ASP A 108 -0.38 -34.39 3.15
C ASP A 108 -1.73 -33.77 3.35
N SER A 109 -2.04 -33.41 4.59
CA SER A 109 -3.37 -33.03 5.04
C SER A 109 -3.61 -31.54 4.92
N GLY A 110 -4.81 -31.14 4.54
CA GLY A 110 -5.00 -29.71 4.36
C GLY A 110 -6.12 -29.38 3.38
N THR A 111 -5.94 -28.23 2.71
CA THR A 111 -6.96 -27.61 1.87
C THR A 111 -6.58 -27.57 0.40
N TYR A 112 -7.53 -27.92 -0.47
CA TYR A 112 -7.29 -28.18 -1.88
C TYR A 112 -8.37 -27.57 -2.76
N LEU A 113 -8.04 -27.43 -4.05
CA LEU A 113 -8.96 -26.89 -5.04
C LEU A 113 -8.44 -27.25 -6.43
N CYS A 114 -9.28 -27.04 -7.45
CA CYS A 114 -8.85 -27.23 -8.83
C CYS A 114 -9.08 -25.97 -9.64
N GLY A 115 -8.30 -25.83 -10.71
CA GLY A 115 -8.39 -24.71 -11.61
C GLY A 115 -8.56 -25.14 -13.06
N ALA A 116 -9.58 -24.59 -13.73
CA ALA A 116 -9.84 -24.88 -15.14
C ALA A 116 -9.28 -23.74 -15.99
N ILE A 117 -8.33 -24.06 -16.87
CA ILE A 117 -7.70 -23.10 -17.76
C ILE A 117 -8.23 -23.32 -19.17
N SER A 118 -9.07 -22.42 -19.65
CA SER A 118 -9.62 -22.52 -20.98
C SER A 118 -8.79 -21.68 -21.93
N LEU A 119 -8.56 -22.23 -23.12
CA LEU A 119 -7.72 -21.59 -24.11
C LEU A 119 -8.52 -21.09 -25.30
N ALA A 120 -9.71 -21.66 -25.52
CA ALA A 120 -10.60 -21.30 -26.61
C ALA A 120 -12.01 -21.71 -26.19
N PRO A 121 -13.06 -20.98 -26.63
CA PRO A 121 -13.01 -19.76 -27.46
C PRO A 121 -12.49 -18.54 -26.70
N LYS A 122 -12.60 -18.57 -25.38
CA LYS A 122 -12.22 -17.46 -24.52
C LYS A 122 -11.11 -17.87 -23.56
N ALA A 123 -10.04 -17.08 -23.50
CA ALA A 123 -9.00 -17.33 -22.53
C ALA A 123 -9.53 -17.07 -21.12
N GLN A 124 -9.39 -18.06 -20.24
CA GLN A 124 -10.01 -18.06 -18.92
C GLN A 124 -9.28 -19.00 -17.96
N ILE A 125 -9.21 -18.59 -16.69
CA ILE A 125 -9.01 -19.50 -15.58
C ILE A 125 -10.17 -19.32 -14.62
N LYS A 126 -10.83 -20.42 -14.26
CA LYS A 126 -11.82 -20.41 -13.19
C LYS A 126 -11.46 -21.47 -12.17
N GLU A 127 -11.29 -21.05 -10.92
CA GLU A 127 -10.92 -21.97 -9.85
C GLU A 127 -12.14 -22.42 -9.09
N SER A 128 -12.09 -23.66 -8.60
CA SER A 128 -13.15 -24.19 -7.77
C SER A 128 -13.12 -23.52 -6.40
N LEU A 129 -14.20 -23.71 -5.65
CA LEU A 129 -14.15 -23.40 -4.23
C LEU A 129 -13.25 -24.44 -3.56
N ARG A 130 -12.74 -24.10 -2.38
CA ARG A 130 -11.79 -24.96 -1.71
C ARG A 130 -12.50 -26.04 -0.88
N ALA A 131 -11.82 -27.17 -0.72
CA ALA A 131 -12.29 -28.27 0.11
C ALA A 131 -11.17 -28.69 1.07
N GLU A 132 -11.55 -29.42 2.13
CA GLU A 132 -10.60 -29.84 3.15
C GLU A 132 -10.32 -31.35 3.10
N LEU A 133 -9.05 -31.71 3.27
CA LEU A 133 -8.62 -33.08 3.50
C LEU A 133 -8.15 -33.20 4.95
N ARG A 134 -8.61 -34.25 5.63
CA ARG A 134 -8.44 -34.39 7.07
C ARG A 134 -7.45 -35.47 7.46
N VAL A 135 -7.60 -36.68 6.95
CA VAL A 135 -6.74 -37.82 7.32
C VAL A 135 -6.21 -37.84 8.77
N ALA B 1 -16.76 -6.57 -33.52
CA ALA B 1 -16.15 -5.26 -33.26
C ALA B 1 -16.74 -4.61 -32.01
N ALA B 2 -15.90 -4.35 -31.03
CA ALA B 2 -16.32 -3.69 -29.80
C ALA B 2 -15.58 -2.37 -29.66
N GLN B 3 -16.31 -1.35 -29.21
CA GLN B 3 -15.77 0.00 -29.06
C GLN B 3 -16.06 0.41 -27.63
N LEU B 4 -15.05 0.93 -26.95
CA LEU B 4 -15.16 1.12 -25.51
C LEU B 4 -14.96 2.61 -25.26
N THR B 5 -16.01 3.31 -24.79
CA THR B 5 -15.99 4.76 -24.64
C THR B 5 -15.87 5.14 -23.16
N GLN B 6 -14.85 5.95 -22.84
CA GLN B 6 -14.55 6.38 -21.49
C GLN B 6 -14.83 7.87 -21.35
N SER B 7 -15.45 8.26 -20.24
CA SER B 7 -15.89 9.64 -19.99
C SER B 7 -15.63 10.05 -18.55
N PRO B 8 -15.22 11.30 -18.30
CA PRO B 8 -14.88 12.28 -19.34
C PRO B 8 -13.45 12.02 -19.81
N SER B 9 -12.92 12.78 -20.79
CA SER B 9 -11.52 12.56 -21.16
C SER B 9 -10.59 13.10 -20.09
N SER B 10 -10.96 14.20 -19.44
CA SER B 10 -10.25 14.65 -18.25
C SER B 10 -11.21 15.34 -17.29
N LEU B 11 -10.83 15.37 -16.02
CA LEU B 11 -11.59 16.11 -15.04
C LEU B 11 -10.63 16.71 -14.02
N SER B 12 -11.10 17.75 -13.33
CA SER B 12 -10.36 18.37 -12.26
C SER B 12 -11.11 18.19 -10.93
N ALA B 13 -10.36 17.86 -9.88
CA ALA B 13 -10.96 17.69 -8.56
C ALA B 13 -9.92 18.03 -7.50
N SER B 14 -10.41 18.26 -6.28
CA SER B 14 -9.62 18.54 -5.09
C SER B 14 -9.49 17.30 -4.20
N VAL B 15 -8.45 17.30 -3.35
CA VAL B 15 -8.34 16.17 -2.43
C VAL B 15 -9.59 16.13 -1.56
N GLY B 16 -10.08 14.92 -1.33
CA GLY B 16 -11.32 14.67 -0.63
C GLY B 16 -12.53 14.52 -1.52
N ASP B 17 -12.45 14.98 -2.76
CA ASP B 17 -13.63 14.93 -3.63
C ASP B 17 -13.94 13.49 -4.02
N ARG B 18 -15.20 13.26 -4.36
CA ARG B 18 -15.63 12.02 -4.98
C ARG B 18 -15.58 12.18 -6.50
N VAL B 19 -14.91 11.27 -7.20
CA VAL B 19 -14.88 11.33 -8.65
C VAL B 19 -15.47 10.04 -9.19
N THR B 20 -16.25 10.15 -10.26
CA THR B 20 -16.70 8.98 -10.98
C THR B 20 -16.21 9.09 -12.42
N ILE B 21 -15.65 8.00 -12.91
CA ILE B 21 -15.23 7.86 -14.29
C ILE B 21 -16.09 6.73 -14.86
N THR B 22 -16.69 6.96 -16.02
CA THR B 22 -17.56 5.96 -16.62
C THR B 22 -16.93 5.35 -17.86
N CYS B 23 -17.34 4.12 -18.16
CA CYS B 23 -16.79 3.38 -19.28
C CYS B 23 -17.97 2.60 -19.88
N GLN B 24 -18.23 2.83 -21.17
CA GLN B 24 -19.38 2.27 -21.88
C GLN B 24 -18.93 1.53 -23.15
N SER B 25 -19.47 0.33 -23.35
CA SER B 25 -19.04 -0.62 -24.37
C SER B 25 -20.10 -0.79 -25.45
N SER B 26 -19.66 -0.99 -26.70
CA SER B 26 -20.60 -1.19 -27.80
C SER B 26 -21.45 -2.42 -27.56
N GLN B 27 -20.85 -3.44 -26.97
CA GLN B 27 -21.50 -4.72 -26.74
C GLN B 27 -21.12 -5.19 -25.35
N SER B 28 -21.94 -6.08 -24.81
CA SER B 28 -21.72 -6.57 -23.46
C SER B 28 -20.34 -7.21 -23.36
N VAL B 29 -19.63 -6.89 -22.29
CA VAL B 29 -18.33 -7.50 -22.06
C VAL B 29 -18.59 -8.96 -21.68
N TYR B 30 -17.53 -9.74 -21.66
CA TYR B 30 -17.66 -11.17 -21.44
C TYR B 30 -18.26 -11.46 -20.06
N ASN B 31 -19.27 -12.34 -20.03
CA ASN B 31 -19.95 -12.74 -18.79
C ASN B 31 -20.46 -11.54 -18.01
N ASN B 32 -20.65 -10.41 -18.70
CA ASN B 32 -21.17 -9.15 -18.19
C ASN B 32 -20.24 -8.44 -17.21
N ASN B 33 -19.04 -8.98 -16.94
CA ASN B 33 -18.15 -8.26 -16.03
C ASN B 33 -16.67 -8.46 -16.35
N ASP B 34 -16.29 -8.92 -17.54
CA ASP B 34 -14.86 -8.98 -17.85
C ASP B 34 -14.32 -7.57 -18.12
N LEU B 35 -14.13 -6.79 -17.07
CA LEU B 35 -13.71 -5.39 -17.22
C LEU B 35 -12.78 -4.99 -16.09
N ALA B 36 -11.69 -4.31 -16.44
CA ALA B 36 -10.75 -3.88 -15.42
C ALA B 36 -10.44 -2.40 -15.57
N TRP B 37 -9.91 -1.82 -14.50
CA TRP B 37 -9.48 -0.44 -14.44
C TRP B 37 -8.02 -0.37 -14.07
N TYR B 38 -7.31 0.58 -14.67
CA TYR B 38 -5.87 0.75 -14.53
C TYR B 38 -5.57 2.19 -14.19
N GLN B 39 -4.51 2.37 -13.39
CA GLN B 39 -3.94 3.67 -13.06
C GLN B 39 -2.57 3.76 -13.68
N GLN B 40 -2.28 4.89 -14.33
CA GLN B 40 -0.96 5.09 -14.91
C GLN B 40 -0.43 6.47 -14.55
N LYS B 41 0.83 6.52 -14.20
CA LYS B 41 1.49 7.76 -13.89
C LYS B 41 2.54 8.05 -14.94
N PRO B 42 2.94 9.31 -15.13
CA PRO B 42 3.82 9.63 -16.26
C PRO B 42 5.09 8.79 -16.22
N GLY B 43 5.47 8.24 -17.37
CA GLY B 43 6.70 7.49 -17.48
C GLY B 43 6.71 6.12 -16.81
N LYS B 44 5.59 5.71 -16.23
CA LYS B 44 5.50 4.48 -15.48
C LYS B 44 4.53 3.54 -16.19
N PRO B 45 4.69 2.23 -16.02
CA PRO B 45 3.71 1.31 -16.60
C PRO B 45 2.40 1.42 -15.87
N PRO B 46 1.30 1.01 -16.49
CA PRO B 46 0.02 1.03 -15.80
C PRO B 46 -0.03 -0.01 -14.70
N LYS B 47 -0.94 0.23 -13.75
CA LYS B 47 -1.10 -0.58 -12.55
C LYS B 47 -2.56 -1.01 -12.45
N LEU B 48 -2.79 -2.30 -12.22
CA LEU B 48 -4.16 -2.77 -12.09
C LEU B 48 -4.79 -2.30 -10.77
N LEU B 49 -5.97 -1.65 -10.84
CA LEU B 49 -6.76 -1.18 -9.68
C LEU B 49 -7.92 -2.10 -9.34
N ILE B 50 -8.76 -2.41 -10.32
CA ILE B 50 -9.99 -3.16 -10.13
C ILE B 50 -10.03 -4.25 -11.17
N TYR B 51 -10.26 -5.48 -10.73
CA TYR B 51 -10.59 -6.56 -11.64
C TYR B 51 -11.99 -7.01 -11.28
N THR B 52 -12.97 -6.57 -12.08
CA THR B 52 -14.37 -6.78 -11.70
C THR B 52 -14.74 -8.24 -11.47
N PRO B 53 -14.39 -9.20 -12.35
CA PRO B 53 -14.92 -10.56 -12.19
C PRO B 53 -14.53 -11.25 -10.91
N SER B 54 -13.46 -10.81 -10.25
CA SER B 54 -13.11 -11.33 -8.93
C SER B 54 -12.33 -10.22 -8.23
N SER B 55 -13.05 -9.40 -7.49
CA SER B 55 -12.46 -8.26 -6.78
C SER B 55 -11.19 -8.67 -6.05
N LEU B 56 -10.13 -7.90 -6.31
CA LEU B 56 -8.79 -8.21 -5.83
C LEU B 56 -8.72 -8.19 -4.30
N THR B 57 -7.82 -9.01 -3.76
CA THR B 57 -7.44 -8.92 -2.36
C THR B 57 -6.16 -8.12 -2.21
N SER B 58 -5.89 -7.27 -3.21
CA SER B 58 -4.68 -6.46 -3.31
C SER B 58 -4.80 -5.21 -2.44
N GLY B 59 -3.92 -4.25 -2.66
CA GLY B 59 -3.85 -3.08 -1.81
C GLY B 59 -4.56 -1.88 -2.42
N VAL B 60 -5.76 -2.07 -2.96
CA VAL B 60 -6.65 -0.93 -3.23
C VAL B 60 -7.26 -0.41 -1.94
N PRO B 61 -6.94 0.82 -1.57
CA PRO B 61 -7.60 1.46 -0.43
C PRO B 61 -9.11 1.45 -0.65
N SER B 62 -9.86 1.55 0.45
CA SER B 62 -11.31 1.41 0.33
C SER B 62 -11.93 2.43 -0.62
N ARG B 63 -11.27 3.57 -0.84
CA ARG B 63 -11.90 4.65 -1.61
C ARG B 63 -12.14 4.31 -3.08
N PHE B 64 -11.53 3.23 -3.59
CA PHE B 64 -11.70 2.77 -4.96
C PHE B 64 -12.76 1.68 -5.02
N SER B 65 -13.75 1.86 -5.90
CA SER B 65 -14.74 0.81 -6.12
C SER B 65 -15.22 0.89 -7.56
N GLY B 66 -15.55 -0.26 -8.12
CA GLY B 66 -16.12 -0.36 -9.45
C GLY B 66 -17.55 -0.86 -9.35
N SER B 67 -18.39 -0.40 -10.26
CA SER B 67 -19.77 -0.86 -10.35
C SER B 67 -20.17 -0.95 -11.82
N GLY B 68 -21.27 -1.65 -12.07
CA GLY B 68 -21.78 -1.79 -13.41
C GLY B 68 -21.72 -3.22 -13.89
N SER B 69 -22.56 -3.56 -14.85
CA SER B 69 -22.64 -4.94 -15.33
C SER B 69 -23.13 -4.89 -16.76
N GLY B 70 -22.45 -5.62 -17.65
CA GLY B 70 -22.87 -5.70 -19.03
C GLY B 70 -22.17 -4.69 -19.92
N THR B 71 -22.74 -3.49 -20.05
CA THR B 71 -22.19 -2.58 -21.03
C THR B 71 -21.74 -1.25 -20.44
N ASP B 72 -22.16 -0.88 -19.23
CA ASP B 72 -21.81 0.40 -18.61
C ASP B 72 -21.14 0.19 -17.26
N PHE B 73 -19.96 0.78 -17.06
CA PHE B 73 -19.17 0.58 -15.85
C PHE B 73 -18.72 1.90 -15.26
N THR B 74 -18.56 1.93 -13.94
CA THR B 74 -18.17 3.15 -13.24
C THR B 74 -17.03 2.87 -12.29
N LEU B 75 -16.03 3.74 -12.30
CA LEU B 75 -14.99 3.75 -11.29
C LEU B 75 -15.22 4.96 -10.38
N THR B 76 -15.32 4.70 -9.07
CA THR B 76 -15.54 5.77 -8.09
C THR B 76 -14.36 5.84 -7.14
N ILE B 77 -13.86 7.05 -6.95
CA ILE B 77 -12.87 7.34 -5.92
C ILE B 77 -13.59 8.24 -4.94
N SER B 78 -13.96 7.69 -3.79
CA SER B 78 -14.85 8.40 -2.88
C SER B 78 -14.17 9.55 -2.15
N SER B 79 -12.84 9.52 -1.99
CA SER B 79 -12.12 10.57 -1.22
C SER B 79 -10.72 10.69 -1.85
N LEU B 80 -10.65 11.47 -2.92
CA LEU B 80 -9.47 11.54 -3.77
C LEU B 80 -8.28 12.02 -2.98
N GLN B 81 -7.17 11.27 -3.06
CA GLN B 81 -5.91 11.51 -2.39
C GLN B 81 -4.86 12.05 -3.36
N PRO B 82 -3.83 12.75 -2.85
CA PRO B 82 -2.80 13.30 -3.76
C PRO B 82 -2.19 12.27 -4.68
N GLU B 83 -1.93 11.07 -4.18
CA GLU B 83 -1.34 10.03 -4.99
C GLU B 83 -2.29 9.47 -6.03
N ASP B 84 -3.54 9.94 -6.09
CA ASP B 84 -4.52 9.41 -7.04
C ASP B 84 -4.56 10.21 -8.34
N PHE B 85 -4.00 11.41 -8.36
CA PHE B 85 -3.97 12.18 -9.60
C PHE B 85 -3.08 11.44 -10.58
N ALA B 86 -3.66 11.08 -11.72
CA ALA B 86 -3.07 10.13 -12.66
C ALA B 86 -4.05 9.98 -13.81
N THR B 87 -3.73 9.14 -14.78
CA THR B 87 -4.66 8.79 -15.83
C THR B 87 -5.21 7.38 -15.59
N TYR B 88 -6.50 7.21 -15.82
CA TYR B 88 -7.20 5.96 -15.50
C TYR B 88 -7.72 5.38 -16.80
N TYR B 89 -7.62 4.06 -16.95
CA TYR B 89 -8.03 3.38 -18.17
C TYR B 89 -8.92 2.20 -17.83
N CYS B 90 -10.02 2.04 -18.55
CA CYS B 90 -10.74 0.78 -18.47
C CYS B 90 -10.27 -0.15 -19.60
N LEU B 91 -10.43 -1.46 -19.36
CA LEU B 91 -10.05 -2.49 -20.33
C LEU B 91 -11.14 -3.54 -20.36
N GLY B 92 -11.73 -3.75 -21.52
CA GLY B 92 -12.85 -4.66 -21.69
C GLY B 92 -12.43 -5.94 -22.40
N GLY B 93 -12.95 -7.07 -21.92
CA GLY B 93 -12.77 -8.37 -22.53
C GLY B 93 -14.10 -8.89 -23.07
N TYR B 94 -14.03 -9.69 -24.13
CA TYR B 94 -15.21 -10.05 -24.89
C TYR B 94 -15.22 -11.53 -25.20
N ASP B 95 -16.35 -12.00 -25.74
CA ASP B 95 -16.45 -13.41 -26.08
C ASP B 95 -15.29 -13.83 -26.98
N ASP B 96 -14.97 -13.01 -27.96
CA ASP B 96 -13.78 -13.17 -28.78
C ASP B 96 -12.71 -12.21 -28.26
N ASP B 97 -11.59 -12.75 -27.78
CA ASP B 97 -10.55 -11.89 -27.19
C ASP B 97 -10.00 -10.89 -28.19
N SER B 98 -10.18 -11.15 -29.50
CA SER B 98 -9.73 -10.23 -30.54
C SER B 98 -10.41 -8.86 -30.43
N ASP B 99 -11.55 -8.75 -29.73
CA ASP B 99 -12.22 -7.48 -29.51
C ASP B 99 -11.71 -6.74 -28.29
N ASN B 100 -10.85 -7.35 -27.47
CA ASN B 100 -10.48 -6.71 -26.23
C ASN B 100 -9.81 -5.38 -26.52
N ALA B 101 -10.10 -4.38 -25.70
CA ALA B 101 -9.57 -3.04 -25.96
C ALA B 101 -9.62 -2.21 -24.69
N PHE B 102 -8.73 -1.22 -24.64
CA PHE B 102 -8.74 -0.18 -23.62
C PHE B 102 -9.70 0.93 -24.05
N GLY B 103 -10.27 1.64 -23.06
CA GLY B 103 -10.87 2.93 -23.32
C GLY B 103 -9.78 3.99 -23.52
N GLY B 104 -10.17 5.16 -24.03
CA GLY B 104 -9.22 6.22 -24.31
C GLY B 104 -8.58 6.85 -23.09
N GLY B 105 -9.04 6.54 -21.90
CA GLY B 105 -8.41 7.07 -20.71
C GLY B 105 -9.11 8.31 -20.18
N THR B 106 -8.96 8.52 -18.88
CA THR B 106 -9.46 9.72 -18.18
C THR B 106 -8.31 10.26 -17.31
N LYS B 107 -7.90 11.50 -17.57
CA LYS B 107 -6.89 12.15 -16.76
C LYS B 107 -7.56 12.91 -15.61
N VAL B 108 -7.12 12.65 -14.40
CA VAL B 108 -7.66 13.30 -13.22
C VAL B 108 -6.60 14.28 -12.73
N GLU B 109 -6.86 15.57 -12.86
CA GLU B 109 -5.85 16.55 -12.49
C GLU B 109 -6.35 17.40 -11.32
N ILE B 110 -5.44 18.19 -10.76
CA ILE B 110 -5.74 18.89 -9.51
C ILE B 110 -6.45 20.18 -9.82
N LYS B 111 -7.60 20.39 -9.18
CA LYS B 111 -8.35 21.63 -9.34
C LYS B 111 -7.70 22.74 -8.53
N ARG B 112 -7.69 23.94 -9.10
CA ARG B 112 -7.26 25.13 -8.36
C ARG B 112 -8.10 26.30 -8.86
N THR B 113 -7.89 27.46 -8.23
CA THR B 113 -8.44 28.73 -8.71
C THR B 113 -7.95 29.10 -10.10
N VAL B 114 -8.87 29.66 -10.91
CA VAL B 114 -8.52 30.18 -12.23
C VAL B 114 -7.42 31.23 -12.12
N ALA B 115 -6.47 31.18 -13.03
CA ALA B 115 -5.33 32.07 -13.00
C ALA B 115 -4.90 32.37 -14.44
N ALA B 116 -4.79 33.65 -14.76
CA ALA B 116 -4.44 34.15 -16.07
C ALA B 116 -2.94 33.96 -16.30
N PRO B 117 -2.54 33.69 -17.54
CA PRO B 117 -1.11 33.43 -17.80
C PRO B 117 -0.31 34.72 -17.78
N SER B 118 0.90 34.62 -17.23
CA SER B 118 1.97 35.54 -17.56
C SER B 118 2.55 35.11 -18.90
N VAL B 119 2.73 36.07 -19.81
CA VAL B 119 3.18 35.79 -21.16
C VAL B 119 4.52 36.50 -21.39
N PHE B 120 5.49 35.77 -21.93
CA PHE B 120 6.80 36.32 -22.22
C PHE B 120 7.21 35.93 -23.64
N ILE B 121 7.92 36.82 -24.32
CA ILE B 121 8.33 36.55 -25.69
C ILE B 121 9.85 36.66 -25.81
N PHE B 122 10.43 35.75 -26.59
CA PHE B 122 11.86 35.68 -26.79
C PHE B 122 12.12 35.76 -28.29
N PRO B 123 12.83 36.77 -28.77
CA PRO B 123 13.27 36.80 -30.15
C PRO B 123 14.30 35.71 -30.39
N PRO B 124 14.54 35.34 -31.66
CA PRO B 124 15.58 34.37 -31.95
C PRO B 124 16.92 34.88 -31.44
N SER B 125 17.79 33.95 -31.07
CA SER B 125 19.10 34.34 -30.60
C SER B 125 19.96 34.78 -31.78
N ASP B 126 20.99 35.55 -31.47
CA ASP B 126 21.90 35.93 -32.55
C ASP B 126 22.70 34.73 -33.04
N GLU B 127 22.92 33.73 -32.16
CA GLU B 127 23.59 32.51 -32.57
C GLU B 127 22.81 31.82 -33.68
N GLN B 128 21.51 31.59 -33.45
CA GLN B 128 20.70 30.89 -34.46
C GLN B 128 20.58 31.70 -35.74
N LEU B 129 20.52 33.03 -35.63
CA LEU B 129 20.34 33.84 -36.82
C LEU B 129 21.52 33.67 -37.78
N LYS B 130 22.71 33.42 -37.24
CA LYS B 130 23.81 33.13 -38.16
C LYS B 130 23.57 31.86 -38.97
N SER B 131 22.70 30.96 -38.51
CA SER B 131 22.51 29.67 -39.15
C SER B 131 21.52 29.67 -40.30
N GLY B 132 20.81 30.76 -40.56
CA GLY B 132 19.81 30.76 -41.61
C GLY B 132 18.39 30.41 -41.18
N THR B 133 18.13 30.25 -39.88
CA THR B 133 16.81 29.93 -39.37
C THR B 133 16.50 30.84 -38.18
N ALA B 134 15.21 31.19 -38.02
CA ALA B 134 14.77 32.05 -36.93
C ALA B 134 13.66 31.38 -36.14
N SER B 135 13.90 31.13 -34.86
CA SER B 135 12.88 30.60 -33.98
C SER B 135 12.54 31.66 -32.94
N VAL B 136 11.28 32.04 -32.88
CA VAL B 136 10.78 32.95 -31.85
C VAL B 136 9.89 32.14 -30.93
N VAL B 137 10.06 32.29 -29.62
CA VAL B 137 9.29 31.47 -28.68
C VAL B 137 8.47 32.36 -27.77
N CYS B 138 7.28 31.88 -27.43
CA CYS B 138 6.36 32.56 -26.55
C CYS B 138 6.12 31.67 -25.33
N LEU B 139 6.34 32.21 -24.14
CA LEU B 139 6.20 31.42 -22.91
C LEU B 139 4.97 31.90 -22.11
N LEU B 140 4.05 30.97 -21.86
CA LEU B 140 2.90 31.15 -20.96
C LEU B 140 3.17 30.41 -19.65
N ASN B 141 3.10 31.14 -18.55
CA ASN B 141 3.50 30.68 -17.24
C ASN B 141 2.37 30.91 -16.23
N ASN B 142 2.21 29.99 -15.28
CA ASN B 142 1.37 30.20 -14.09
C ASN B 142 -0.11 30.34 -14.41
N PHE B 143 -0.64 29.47 -15.25
CA PHE B 143 -2.04 29.61 -15.60
C PHE B 143 -2.83 28.35 -15.29
N TYR B 144 -4.15 28.53 -15.20
CA TYR B 144 -5.10 27.47 -14.91
C TYR B 144 -6.46 27.97 -15.37
N PRO B 145 -7.29 27.16 -16.05
CA PRO B 145 -7.00 25.77 -16.41
C PRO B 145 -6.14 25.67 -17.65
N ARG B 146 -6.00 24.44 -18.15
CA ARG B 146 -4.99 24.11 -19.16
C ARG B 146 -5.31 24.73 -20.52
N GLU B 147 -6.59 24.82 -20.89
CA GLU B 147 -7.03 25.31 -22.18
C GLU B 147 -6.57 26.75 -22.39
N ALA B 148 -5.84 26.97 -23.47
CA ALA B 148 -5.25 28.26 -23.80
C ALA B 148 -5.02 28.28 -25.29
N LYS B 149 -5.13 29.46 -25.88
CA LYS B 149 -5.04 29.61 -27.33
C LYS B 149 -3.95 30.62 -27.62
N VAL B 150 -2.89 30.15 -28.27
CA VAL B 150 -1.76 30.97 -28.68
C VAL B 150 -1.84 31.20 -30.19
N GLN B 151 -1.87 32.46 -30.59
CA GLN B 151 -1.95 32.86 -31.98
C GLN B 151 -0.73 33.73 -32.30
N TRP B 152 0.08 33.31 -33.26
CA TRP B 152 1.20 34.11 -33.71
C TRP B 152 0.76 35.10 -34.79
N LYS B 153 1.28 36.32 -34.72
CA LYS B 153 1.06 37.33 -35.75
C LYS B 153 2.41 37.92 -36.15
N VAL B 154 2.66 37.99 -37.44
CA VAL B 154 3.84 38.61 -38.01
C VAL B 154 3.35 39.79 -38.85
N ASP B 155 3.77 41.00 -38.47
CA ASP B 155 3.30 42.24 -39.09
C ASP B 155 1.78 42.22 -39.23
N ASN B 156 1.12 41.79 -38.16
CA ASN B 156 -0.34 41.74 -38.03
C ASN B 156 -0.99 40.78 -39.01
N ALA B 157 -0.18 39.94 -39.66
CA ALA B 157 -0.68 38.82 -40.42
C ALA B 157 -0.66 37.61 -39.50
N LEU B 158 -1.77 36.92 -39.46
CA LEU B 158 -1.96 35.84 -38.53
C LEU B 158 -1.36 34.55 -39.09
N GLN B 159 -0.47 33.93 -38.32
CA GLN B 159 0.28 32.78 -38.77
C GLN B 159 -0.48 31.47 -38.58
N SER B 160 -0.32 30.56 -39.54
CA SER B 160 -0.83 29.21 -39.43
C SER B 160 0.20 28.24 -40.02
N GLY B 161 0.45 27.13 -39.31
CA GLY B 161 1.25 26.04 -39.82
C GLY B 161 2.75 26.13 -39.65
N ASN B 162 3.26 27.19 -39.01
CA ASN B 162 4.70 27.35 -38.81
C ASN B 162 5.02 27.49 -37.32
N SER B 163 4.12 27.02 -36.46
CA SER B 163 4.36 27.08 -35.03
C SER B 163 3.98 25.76 -34.41
N GLN B 164 4.58 25.46 -33.26
CA GLN B 164 4.26 24.27 -32.49
C GLN B 164 4.35 24.61 -31.01
N GLU B 165 3.58 23.90 -30.19
CA GLU B 165 3.56 24.16 -28.75
C GLU B 165 3.54 22.86 -27.96
N SER B 166 3.91 22.94 -26.68
CA SER B 166 3.76 21.81 -25.76
C SER B 166 3.59 22.35 -24.34
N VAL B 167 2.95 21.55 -23.50
CA VAL B 167 2.52 22.00 -22.19
C VAL B 167 3.12 21.10 -21.11
N THR B 168 3.53 21.72 -19.99
CA THR B 168 4.02 20.96 -18.85
C THR B 168 2.89 20.21 -18.15
N GLU B 169 3.28 19.29 -17.29
CA GLU B 169 2.38 18.77 -16.28
C GLU B 169 2.15 19.84 -15.22
N GLN B 170 1.17 19.62 -14.36
CA GLN B 170 0.85 20.62 -13.36
C GLN B 170 2.02 20.90 -12.44
N ASP B 171 2.28 22.19 -12.21
CA ASP B 171 3.42 22.63 -11.45
C ASP B 171 3.36 22.09 -10.02
N SER B 172 4.47 21.57 -9.54
CA SER B 172 4.46 20.86 -8.26
C SER B 172 4.19 21.75 -7.07
N LYS B 173 4.38 23.07 -7.17
CA LYS B 173 4.11 23.96 -6.05
C LYS B 173 2.74 24.66 -6.12
N ASP B 174 2.25 25.05 -7.29
CA ASP B 174 0.98 25.77 -7.33
C ASP B 174 -0.02 25.15 -8.30
N SER B 175 0.28 23.98 -8.87
CA SER B 175 -0.63 23.25 -9.74
C SER B 175 -1.00 24.02 -11.01
N THR B 176 -0.22 25.02 -11.40
CA THR B 176 -0.49 25.71 -12.64
C THR B 176 0.19 25.00 -13.81
N TYR B 177 -0.13 25.45 -15.03
CA TYR B 177 0.57 25.01 -16.22
C TYR B 177 1.49 26.09 -16.73
N SER B 178 2.41 25.65 -17.58
CA SER B 178 3.25 26.50 -18.39
C SER B 178 3.14 26.00 -19.82
N LEU B 179 3.29 26.91 -20.78
CA LEU B 179 3.17 26.57 -22.19
C LEU B 179 4.28 27.24 -22.99
N SER B 180 4.86 26.46 -23.91
CA SER B 180 5.92 26.92 -24.78
C SER B 180 5.45 26.79 -26.22
N SER B 181 5.49 27.90 -26.97
CA SER B 181 5.10 27.92 -28.37
C SER B 181 6.26 28.44 -29.19
N THR B 182 6.62 27.71 -30.26
CA THR B 182 7.73 28.08 -31.12
C THR B 182 7.19 28.37 -32.51
N LEU B 183 7.40 29.60 -32.96
CA LEU B 183 7.18 30.00 -34.33
C LEU B 183 8.54 29.94 -35.02
N THR B 184 8.62 29.21 -36.12
CA THR B 184 9.88 29.03 -36.83
C THR B 184 9.77 29.57 -38.25
N LEU B 185 10.68 30.45 -38.62
CA LEU B 185 10.73 31.06 -39.93
C LEU B 185 12.12 30.91 -40.54
N SER B 186 12.20 31.06 -41.86
CA SER B 186 13.49 31.25 -42.50
C SER B 186 14.10 32.57 -42.04
N LYS B 187 15.42 32.65 -42.05
CA LYS B 187 16.04 33.94 -41.76
C LYS B 187 15.55 35.01 -42.72
N ALA B 188 15.42 34.68 -44.00
CA ALA B 188 14.95 35.66 -44.98
C ALA B 188 13.58 36.20 -44.60
N ASP B 189 12.61 35.32 -44.34
CA ASP B 189 11.29 35.79 -43.94
C ASP B 189 11.35 36.57 -42.63
N TYR B 190 12.14 36.11 -41.66
CA TYR B 190 12.23 36.85 -40.40
C TYR B 190 12.73 38.28 -40.62
N GLU B 191 13.60 38.47 -41.60
CA GLU B 191 14.18 39.79 -41.79
C GLU B 191 13.39 40.63 -42.76
N LYS B 192 12.34 40.07 -43.36
CA LYS B 192 11.40 40.86 -44.14
C LYS B 192 10.43 41.66 -43.27
N HIS B 193 10.23 41.30 -42.00
CA HIS B 193 9.11 41.83 -41.23
C HIS B 193 9.62 42.43 -39.93
N LYS B 194 8.72 43.15 -39.25
CA LYS B 194 9.11 43.96 -38.11
C LYS B 194 8.46 43.55 -36.80
N VAL B 195 7.13 43.44 -36.75
CA VAL B 195 6.41 43.25 -35.49
C VAL B 195 6.13 41.76 -35.30
N TYR B 196 6.68 41.17 -34.25
CA TYR B 196 6.43 39.78 -33.92
C TYR B 196 5.59 39.74 -32.66
N ALA B 197 4.41 39.14 -32.77
CA ALA B 197 3.41 39.22 -31.72
C ALA B 197 2.89 37.83 -31.38
N CYS B 198 2.72 37.62 -30.09
CA CYS B 198 2.17 36.39 -29.51
C CYS B 198 0.89 36.81 -28.79
N GLU B 199 -0.27 36.39 -29.31
CA GLU B 199 -1.56 36.77 -28.75
C GLU B 199 -2.20 35.58 -28.04
N VAL B 200 -2.56 35.77 -26.75
CA VAL B 200 -2.97 34.69 -25.85
C VAL B 200 -4.41 34.90 -25.38
N THR B 201 -5.24 33.86 -25.57
CA THR B 201 -6.61 33.83 -25.11
C THR B 201 -6.75 32.78 -24.01
N HIS B 202 -7.32 33.19 -22.88
CA HIS B 202 -7.46 32.31 -21.73
C HIS B 202 -8.58 32.80 -20.83
N GLN B 203 -9.25 31.84 -20.18
CA GLN B 203 -10.39 32.11 -19.30
C GLN B 203 -10.11 33.22 -18.30
N GLY B 204 -8.91 33.26 -17.74
CA GLY B 204 -8.55 34.23 -16.73
C GLY B 204 -8.29 35.63 -17.25
N LEU B 205 -8.39 35.83 -18.56
CA LEU B 205 -8.23 37.12 -19.20
C LEU B 205 -9.60 37.56 -19.70
N SER B 206 -10.00 38.78 -19.37
CA SER B 206 -11.28 39.24 -19.87
C SER B 206 -11.25 39.42 -21.38
N SER B 207 -10.08 39.71 -21.93
CA SER B 207 -9.90 39.79 -23.38
C SER B 207 -8.48 39.38 -23.70
N PRO B 208 -8.20 38.94 -24.93
CA PRO B 208 -6.87 38.40 -25.26
C PRO B 208 -5.77 39.40 -24.99
N VAL B 209 -4.60 38.88 -24.61
CA VAL B 209 -3.42 39.69 -24.31
C VAL B 209 -2.37 39.40 -25.38
N THR B 210 -1.57 40.43 -25.70
CA THR B 210 -0.53 40.29 -26.72
C THR B 210 0.82 40.72 -26.17
N LYS B 211 1.83 39.87 -26.34
CA LYS B 211 3.20 40.30 -26.11
C LYS B 211 3.88 40.40 -27.47
N SER B 212 4.66 41.45 -27.66
CA SER B 212 5.28 41.62 -28.96
C SER B 212 6.61 42.33 -28.81
N PHE B 213 7.40 42.27 -29.86
CA PHE B 213 8.63 43.04 -29.98
C PHE B 213 8.79 43.43 -31.43
N ASN B 214 9.61 44.44 -31.68
CA ASN B 214 10.05 44.81 -33.01
C ASN B 214 11.49 44.34 -33.19
N ARG B 215 11.74 43.52 -34.20
CA ARG B 215 13.09 42.99 -34.35
C ARG B 215 14.07 44.13 -34.60
N GLY B 216 15.18 44.10 -33.87
CA GLY B 216 16.15 45.17 -33.93
C GLY B 216 15.93 46.27 -32.92
N GLU B 217 15.05 46.06 -31.93
CA GLU B 217 14.70 47.09 -30.96
C GLU B 217 14.89 46.51 -29.55
N CYS B 218 15.99 46.87 -28.90
CA CYS B 218 16.24 46.54 -27.51
C CYS B 218 17.50 47.24 -26.99
N GLU C 1 10.19 -11.02 -7.14
CA GLU C 1 11.34 -11.32 -7.97
C GLU C 1 10.88 -11.58 -9.40
N GLN C 2 9.57 -11.69 -9.59
CA GLN C 2 9.06 -11.84 -10.95
C GLN C 2 9.15 -10.52 -11.71
N GLN C 3 9.59 -10.60 -12.96
CA GLN C 3 9.98 -9.43 -13.75
C GLN C 3 9.72 -9.67 -15.23
N LEU C 4 9.41 -8.61 -15.95
CA LEU C 4 9.37 -8.64 -17.39
C LEU C 4 10.27 -7.51 -17.89
N VAL C 5 11.11 -7.80 -18.87
CA VAL C 5 12.02 -6.80 -19.45
C VAL C 5 11.90 -6.86 -20.96
N GLU C 6 11.51 -5.74 -21.55
CA GLU C 6 11.35 -5.58 -23.00
C GLU C 6 12.67 -5.12 -23.59
N SER C 7 13.05 -5.68 -24.75
CA SER C 7 14.20 -5.18 -25.48
C SER C 7 13.92 -5.17 -26.97
N GLY C 8 14.87 -4.63 -27.73
CA GLY C 8 14.75 -4.57 -29.17
C GLY C 8 14.20 -3.27 -29.72
N GLY C 9 13.88 -2.30 -28.87
CA GLY C 9 13.44 -1.02 -29.36
C GLY C 9 14.57 -0.20 -29.92
N GLY C 10 14.21 0.82 -30.68
CA GLY C 10 15.20 1.65 -31.34
C GLY C 10 14.56 2.31 -32.54
N VAL C 11 15.41 2.87 -33.38
CA VAL C 11 14.95 3.54 -34.59
C VAL C 11 14.76 2.48 -35.66
N VAL C 12 13.61 2.48 -36.29
CA VAL C 12 13.38 1.61 -37.43
C VAL C 12 12.77 2.46 -38.52
N GLN C 13 13.08 2.14 -39.70
CA GLN C 13 12.67 2.84 -40.88
C GLN C 13 11.28 2.37 -41.33
N PRO C 14 10.45 3.27 -41.84
CA PRO C 14 9.09 2.86 -42.23
C PRO C 14 9.11 1.80 -43.32
N GLY C 15 8.14 0.88 -43.24
CA GLY C 15 8.01 -0.18 -44.20
C GLY C 15 8.83 -1.41 -43.89
N ARG C 16 9.70 -1.34 -42.90
CA ARG C 16 10.54 -2.45 -42.50
C ARG C 16 9.87 -3.15 -41.33
N SER C 17 10.57 -4.17 -40.82
CA SER C 17 10.10 -5.00 -39.72
C SER C 17 11.00 -4.81 -38.50
N LEU C 18 10.46 -5.20 -37.34
CA LEU C 18 11.20 -5.17 -36.08
C LEU C 18 10.72 -6.30 -35.19
N ARG C 19 11.65 -7.00 -34.56
CA ARG C 19 11.26 -8.03 -33.61
C ARG C 19 11.58 -7.54 -32.21
N LEU C 20 10.61 -7.58 -31.31
CA LEU C 20 10.78 -7.23 -29.92
C LEU C 20 10.81 -8.47 -29.05
N SER C 21 11.50 -8.37 -27.92
CA SER C 21 11.60 -9.46 -26.96
C SER C 21 11.08 -9.05 -25.59
N CYS C 22 10.41 -9.98 -24.94
CA CYS C 22 10.02 -9.85 -23.56
C CYS C 22 10.70 -10.99 -22.82
N ALA C 23 11.71 -10.67 -21.99
CA ALA C 23 12.39 -11.67 -21.16
C ALA C 23 11.79 -11.68 -19.75
N ALA C 24 11.24 -12.81 -19.36
CA ALA C 24 10.65 -12.99 -18.06
C ALA C 24 11.66 -13.58 -17.10
N SER C 25 11.53 -13.22 -15.81
CA SER C 25 12.36 -13.73 -14.72
C SER C 25 11.48 -14.10 -13.55
N GLY C 26 11.87 -15.15 -12.84
CA GLY C 26 11.23 -15.49 -11.59
C GLY C 26 10.12 -16.51 -11.68
N PHE C 27 9.78 -16.97 -12.88
CA PHE C 27 8.72 -17.95 -13.02
C PHE C 27 8.94 -18.74 -14.30
N SER C 28 8.28 -19.89 -14.37
CA SER C 28 8.38 -20.71 -15.56
C SER C 28 7.10 -20.59 -16.37
N PHE C 29 7.26 -20.75 -17.68
CA PHE C 29 6.14 -20.74 -18.61
C PHE C 29 5.30 -22.02 -18.74
N SER C 30 5.11 -22.91 -17.74
CA SER C 30 4.42 -24.16 -18.10
C SER C 30 2.92 -23.96 -18.27
N SER C 31 2.27 -23.27 -17.34
CA SER C 31 0.83 -23.08 -17.50
C SER C 31 0.36 -21.97 -16.57
N THR C 32 -0.92 -21.63 -16.73
CA THR C 32 -1.71 -20.59 -16.07
C THR C 32 -1.34 -19.19 -16.50
N TYR C 33 -0.42 -18.99 -17.44
CA TYR C 33 0.06 -17.64 -17.73
C TYR C 33 -0.09 -17.32 -19.20
N TRP C 34 -0.45 -16.06 -19.48
CA TRP C 34 -0.42 -15.46 -20.81
C TRP C 34 0.48 -14.24 -20.73
N LEU C 35 1.24 -13.99 -21.80
CA LEU C 35 1.97 -12.74 -21.94
C LEU C 35 1.35 -11.95 -23.08
N SER C 36 1.21 -10.65 -22.85
CA SER C 36 0.57 -9.72 -23.76
C SER C 36 1.53 -8.61 -24.11
N TRP C 37 1.39 -8.09 -25.32
CA TRP C 37 2.02 -6.84 -25.71
C TRP C 37 0.98 -5.72 -25.72
N VAL C 38 1.32 -4.61 -25.10
CA VAL C 38 0.50 -3.42 -25.02
C VAL C 38 1.39 -2.25 -25.43
N ARG C 39 0.84 -1.30 -26.18
CA ARG C 39 1.64 -0.18 -26.64
C ARG C 39 0.97 1.14 -26.29
N GLN C 40 1.78 2.20 -26.33
CA GLN C 40 1.33 3.55 -26.00
C GLN C 40 2.15 4.56 -26.79
N ALA C 41 1.51 5.25 -27.73
CA ALA C 41 2.19 6.25 -28.51
C ALA C 41 2.47 7.47 -27.63
N PRO C 42 3.46 8.29 -27.98
CA PRO C 42 3.78 9.47 -27.17
C PRO C 42 2.58 10.35 -26.89
N GLY C 43 2.27 10.56 -25.62
CA GLY C 43 1.14 11.37 -25.28
C GLY C 43 -0.23 10.75 -25.51
N LYS C 44 -0.35 9.48 -25.96
CA LYS C 44 -1.68 8.92 -26.20
C LYS C 44 -1.96 7.85 -25.16
N GLY C 45 -2.99 7.05 -25.47
CA GLY C 45 -3.51 6.04 -24.59
C GLY C 45 -2.92 4.68 -24.82
N LEU C 46 -3.28 3.76 -23.95
CA LEU C 46 -2.84 2.39 -24.02
C LEU C 46 -3.59 1.65 -25.12
N GLU C 47 -2.91 0.70 -25.74
CA GLU C 47 -3.50 -0.05 -26.85
C GLU C 47 -3.02 -1.49 -26.76
N TRP C 48 -3.97 -2.42 -26.68
CA TRP C 48 -3.65 -3.83 -26.58
C TRP C 48 -3.41 -4.43 -27.97
N ILE C 49 -2.33 -5.20 -28.11
CA ILE C 49 -1.94 -5.72 -29.42
C ILE C 49 -2.27 -7.20 -29.55
N ALA C 50 -1.71 -8.03 -28.67
CA ALA C 50 -1.83 -9.47 -28.81
C ALA C 50 -1.37 -10.16 -27.53
N ALA C 51 -1.70 -11.45 -27.42
CA ALA C 51 -1.30 -12.24 -26.27
C ALA C 51 -0.98 -13.66 -26.71
N ILE C 52 -0.16 -14.34 -25.91
CA ILE C 52 0.20 -15.73 -26.17
C ILE C 52 0.09 -16.53 -24.87
N TYR C 53 -0.48 -17.72 -24.97
CA TYR C 53 -0.43 -18.65 -23.85
C TYR C 53 0.96 -19.27 -23.77
N VAL C 54 1.65 -19.04 -22.66
CA VAL C 54 2.94 -19.70 -22.46
C VAL C 54 2.65 -21.11 -21.98
N GLY C 55 3.40 -22.06 -22.45
CA GLY C 55 3.02 -23.41 -22.14
C GLY C 55 2.78 -24.13 -23.44
N SER C 56 2.74 -25.46 -23.41
CA SER C 56 2.89 -26.26 -24.62
C SER C 56 2.01 -25.78 -25.77
N SER C 57 0.71 -25.61 -25.51
CA SER C 57 -0.28 -25.35 -26.55
C SER C 57 0.02 -24.07 -27.37
N GLY C 58 0.54 -23.02 -26.72
CA GLY C 58 0.99 -21.81 -27.39
C GLY C 58 -0.05 -21.00 -28.14
N ASN C 59 -1.30 -21.00 -27.67
CA ASN C 59 -2.37 -20.31 -28.38
C ASN C 59 -2.11 -18.81 -28.45
N THR C 60 -2.43 -18.22 -29.60
CA THR C 60 -2.28 -16.78 -29.75
C THR C 60 -3.64 -16.10 -29.84
N TYR C 61 -3.62 -14.82 -29.48
CA TYR C 61 -4.80 -13.96 -29.46
C TYR C 61 -4.35 -12.60 -29.97
N TYR C 62 -5.05 -12.07 -30.99
CA TYR C 62 -4.62 -10.85 -31.66
C TYR C 62 -5.77 -9.84 -31.70
N ALA C 63 -5.47 -8.59 -31.36
CA ALA C 63 -6.45 -7.53 -31.58
C ALA C 63 -6.82 -7.48 -33.05
N ASN C 64 -8.08 -7.15 -33.34
CA ASN C 64 -8.55 -7.16 -34.72
C ASN C 64 -7.65 -6.33 -35.62
N TRP C 65 -7.33 -5.10 -35.21
CA TRP C 65 -6.53 -4.21 -36.04
C TRP C 65 -5.11 -4.73 -36.25
N ALA C 66 -4.61 -5.55 -35.35
CA ALA C 66 -3.24 -6.05 -35.43
C ALA C 66 -3.11 -7.32 -36.25
N LYS C 67 -4.21 -8.01 -36.55
CA LYS C 67 -4.11 -9.30 -37.23
C LYS C 67 -3.50 -9.13 -38.60
N GLY C 68 -2.53 -9.99 -38.93
CA GLY C 68 -1.90 -9.97 -40.23
C GLY C 68 -0.75 -9.00 -40.38
N ARG C 69 -0.47 -8.20 -39.35
CA ARG C 69 0.67 -7.28 -39.34
C ARG C 69 1.59 -7.48 -38.15
N PHE C 70 1.14 -8.18 -37.11
CA PHE C 70 1.94 -8.50 -35.95
C PHE C 70 1.91 -10.00 -35.77
N THR C 71 3.01 -10.57 -35.27
CA THR C 71 3.14 -12.00 -35.01
C THR C 71 3.79 -12.18 -33.64
N ILE C 72 3.10 -12.90 -32.75
CA ILE C 72 3.61 -13.18 -31.42
C ILE C 72 4.03 -14.65 -31.34
N SER C 73 5.12 -14.91 -30.63
CA SER C 73 5.67 -16.26 -30.50
C SER C 73 6.42 -16.37 -29.18
N LYS C 74 6.78 -17.61 -28.80
CA LYS C 74 7.38 -17.87 -27.50
C LYS C 74 8.52 -18.86 -27.58
N ASP C 75 9.35 -18.81 -26.54
CA ASP C 75 10.50 -19.70 -26.32
C ASP C 75 10.49 -20.07 -24.83
N SER C 76 9.82 -21.15 -24.48
CA SER C 76 9.80 -21.56 -23.07
C SER C 76 11.19 -21.76 -22.49
N SER C 77 12.17 -22.21 -23.30
CA SER C 77 13.47 -22.58 -22.73
C SER C 77 14.26 -21.38 -22.22
N SER C 78 13.89 -20.17 -22.61
CA SER C 78 14.56 -18.97 -22.10
C SER C 78 13.53 -17.99 -21.61
N THR C 79 12.34 -18.50 -21.29
CA THR C 79 11.18 -17.73 -20.82
C THR C 79 11.10 -16.38 -21.50
N THR C 80 11.07 -16.43 -22.82
CA THR C 80 11.05 -15.21 -23.61
C THR C 80 9.89 -15.31 -24.59
N VAL C 81 9.23 -14.17 -24.80
CA VAL C 81 8.15 -14.01 -25.76
C VAL C 81 8.58 -12.99 -26.80
N PHE C 82 8.14 -13.17 -28.03
CA PHE C 82 8.56 -12.30 -29.11
C PHE C 82 7.36 -11.64 -29.76
N LEU C 83 7.55 -10.41 -30.22
CA LEU C 83 6.55 -9.71 -31.03
C LEU C 83 7.21 -9.30 -32.34
N GLN C 84 6.69 -9.84 -33.43
CA GLN C 84 7.17 -9.48 -34.76
C GLN C 84 6.26 -8.40 -35.36
N MET C 85 6.85 -7.28 -35.78
CA MET C 85 6.08 -6.13 -36.24
C MET C 85 6.44 -5.83 -37.70
N ASN C 86 5.48 -5.98 -38.61
CA ASN C 86 5.76 -5.82 -40.04
C ASN C 86 5.17 -4.55 -40.63
N SER C 87 5.71 -4.17 -41.80
CA SER C 87 5.21 -3.05 -42.58
C SER C 87 5.06 -1.83 -41.68
N LEU C 88 6.12 -1.54 -40.93
CA LEU C 88 6.01 -0.53 -39.88
C LEU C 88 5.69 0.81 -40.48
N ARG C 89 4.79 1.52 -39.80
CA ARG C 89 4.35 2.81 -40.25
C ARG C 89 4.55 3.81 -39.11
N ALA C 90 4.52 5.11 -39.44
CA ALA C 90 4.92 6.15 -38.48
C ALA C 90 4.04 6.12 -37.23
N GLU C 91 2.76 5.83 -37.41
CA GLU C 91 1.87 5.81 -36.26
C GLU C 91 2.21 4.69 -35.27
N ASP C 92 3.14 3.78 -35.61
CA ASP C 92 3.59 2.70 -34.75
C ASP C 92 4.66 3.11 -33.74
N THR C 93 5.16 4.33 -33.83
CA THR C 93 6.06 4.86 -32.81
C THR C 93 5.35 4.86 -31.47
N ALA C 94 5.94 4.20 -30.49
CA ALA C 94 5.27 4.05 -29.20
C ALA C 94 6.22 3.39 -28.22
N VAL C 95 5.83 3.40 -26.95
CA VAL C 95 6.45 2.52 -25.96
C VAL C 95 5.71 1.20 -26.00
N TYR C 96 6.47 0.09 -26.05
CA TYR C 96 5.90 -1.26 -26.11
C TYR C 96 6.17 -1.98 -24.78
N PHE C 97 5.10 -2.32 -24.07
CA PHE C 97 5.13 -3.05 -22.81
C PHE C 97 4.71 -4.49 -23.07
N CYS C 98 5.31 -5.43 -22.33
CA CYS C 98 4.69 -6.73 -22.20
C CYS C 98 4.13 -6.85 -20.79
N ALA C 99 3.01 -7.55 -20.67
CA ALA C 99 2.31 -7.70 -19.41
C ALA C 99 1.78 -9.13 -19.31
N ARG C 100 1.73 -9.65 -18.08
CA ARG C 100 1.36 -11.02 -17.80
C ARG C 100 -0.03 -11.04 -17.21
N ALA C 101 -0.79 -12.08 -17.55
CA ALA C 101 -2.06 -12.37 -16.91
C ALA C 101 -2.04 -13.83 -16.50
N GLY C 102 -2.71 -14.13 -15.40
CA GLY C 102 -2.89 -15.50 -14.95
C GLY C 102 -2.21 -15.75 -13.62
N GLY C 103 -2.28 -17.01 -13.21
CA GLY C 103 -1.72 -17.44 -11.95
C GLY C 103 -2.65 -18.42 -11.26
N ALA C 104 -2.60 -18.45 -9.93
CA ALA C 104 -3.47 -19.34 -9.19
C ALA C 104 -3.81 -18.67 -7.86
N GLY C 105 -5.05 -18.84 -7.41
CA GLY C 105 -5.52 -18.30 -6.15
C GLY C 105 -6.43 -17.10 -6.27
N GLY C 106 -6.42 -16.45 -7.43
CA GLY C 106 -7.22 -15.28 -7.70
C GLY C 106 -8.65 -15.54 -8.12
N GLY C 107 -9.07 -16.80 -8.21
CA GLY C 107 -10.46 -17.11 -8.47
C GLY C 107 -10.87 -17.12 -9.92
N VAL C 108 -10.74 -15.97 -10.59
CA VAL C 108 -11.03 -15.85 -12.02
C VAL C 108 -9.89 -15.06 -12.68
N TYR C 109 -9.41 -15.55 -13.83
CA TYR C 109 -8.40 -14.88 -14.61
C TYR C 109 -8.87 -14.77 -16.06
N THR C 110 -8.66 -13.61 -16.67
CA THR C 110 -8.83 -13.38 -18.11
C THR C 110 -7.70 -12.49 -18.59
N LEU C 111 -7.65 -12.28 -19.90
CA LEU C 111 -6.67 -11.34 -20.45
C LEU C 111 -6.86 -9.90 -19.97
N THR C 112 -7.95 -9.54 -19.31
CA THR C 112 -8.00 -8.18 -18.77
C THR C 112 -7.29 -8.06 -17.42
N ARG C 113 -6.83 -9.16 -16.85
CA ARG C 113 -6.20 -9.11 -15.53
C ARG C 113 -4.69 -9.09 -15.70
N LEU C 114 -4.17 -7.92 -16.11
CA LEU C 114 -2.74 -7.73 -16.37
C LEU C 114 -2.11 -7.17 -15.11
N ASP C 115 -1.53 -8.05 -14.28
CA ASP C 115 -1.06 -7.65 -12.96
C ASP C 115 0.48 -7.62 -12.86
N LEU C 116 1.19 -7.77 -13.96
CA LEU C 116 2.65 -7.68 -13.92
C LEU C 116 3.13 -7.02 -15.20
N TRP C 117 3.92 -5.95 -15.09
CA TRP C 117 4.32 -5.19 -16.28
C TRP C 117 5.82 -4.93 -16.31
N GLY C 118 6.36 -4.87 -17.52
CA GLY C 118 7.69 -4.34 -17.72
C GLY C 118 7.65 -2.82 -17.78
N GLN C 119 8.84 -2.23 -17.91
CA GLN C 119 8.93 -0.78 -18.06
C GLN C 119 8.69 -0.30 -19.50
N GLY C 120 8.72 -1.19 -20.49
CA GLY C 120 8.45 -0.82 -21.87
C GLY C 120 9.71 -0.37 -22.60
N THR C 121 9.71 -0.56 -23.92
CA THR C 121 10.80 -0.15 -24.80
C THR C 121 10.28 0.78 -25.90
N LEU C 122 11.05 1.82 -26.21
CA LEU C 122 10.61 2.81 -27.18
C LEU C 122 11.00 2.39 -28.60
N VAL C 123 10.02 2.35 -29.49
CA VAL C 123 10.24 2.13 -30.91
C VAL C 123 9.85 3.41 -31.63
N THR C 124 10.77 3.96 -32.42
CA THR C 124 10.48 5.14 -33.24
C THR C 124 10.58 4.72 -34.69
N VAL C 125 9.49 4.87 -35.43
CA VAL C 125 9.47 4.55 -36.85
C VAL C 125 9.72 5.85 -37.59
N SER C 126 10.87 5.92 -38.27
CA SER C 126 11.32 7.16 -38.89
C SER C 126 12.45 6.88 -39.86
N SER C 127 12.56 7.70 -40.89
CA SER C 127 13.70 7.63 -41.79
C SER C 127 14.74 8.72 -41.54
N ALA C 128 14.57 9.53 -40.49
CA ALA C 128 15.60 10.49 -40.12
C ALA C 128 16.84 9.79 -39.61
N SER C 129 17.95 10.51 -39.64
CA SER C 129 19.19 9.96 -39.09
C SER C 129 19.65 10.76 -37.88
N THR C 130 20.41 10.08 -37.04
CA THR C 130 20.86 10.61 -35.76
C THR C 130 21.51 11.97 -35.90
N LYS C 131 21.03 12.92 -35.11
CA LYS C 131 21.58 14.27 -35.18
C LYS C 131 21.49 14.92 -33.80
N GLY C 132 22.59 15.50 -33.36
CA GLY C 132 22.63 16.23 -32.12
C GLY C 132 21.97 17.58 -32.26
N PRO C 133 21.49 18.10 -31.14
CA PRO C 133 20.71 19.33 -31.19
C PRO C 133 21.59 20.56 -31.35
N SER C 134 20.96 21.64 -31.79
CA SER C 134 21.51 22.98 -31.65
C SER C 134 20.90 23.58 -30.39
N VAL C 135 21.75 24.10 -29.51
CA VAL C 135 21.30 24.67 -28.25
C VAL C 135 21.43 26.18 -28.40
N PHE C 136 20.31 26.88 -28.24
CA PHE C 136 20.27 28.33 -28.32
C PHE C 136 19.71 28.93 -27.04
N PRO C 137 20.27 30.04 -26.58
CA PRO C 137 19.80 30.66 -25.34
C PRO C 137 18.46 31.35 -25.58
N LEU C 138 17.58 31.27 -24.59
CA LEU C 138 16.42 32.16 -24.51
C LEU C 138 16.80 33.22 -23.49
N ALA C 139 17.36 34.32 -23.98
CA ALA C 139 17.98 35.29 -23.09
C ALA C 139 16.90 36.01 -22.28
N PRO C 140 17.18 36.32 -21.02
CA PRO C 140 16.24 37.09 -20.22
C PRO C 140 16.33 38.55 -20.62
N SER C 141 15.16 39.18 -20.80
CA SER C 141 15.03 40.57 -21.20
C SER C 141 13.93 41.18 -20.35
N SER C 142 13.74 42.49 -20.50
CA SER C 142 12.62 43.15 -19.85
C SER C 142 11.29 42.48 -20.21
N LYS C 143 11.21 41.88 -21.40
CA LYS C 143 10.00 41.20 -21.84
C LYS C 143 9.86 39.79 -21.29
N SER C 144 10.80 39.34 -20.44
CA SER C 144 10.66 38.04 -19.79
C SER C 144 10.66 38.13 -18.27
N THR C 145 10.57 39.35 -17.71
CA THR C 145 10.66 39.53 -16.27
C THR C 145 9.41 40.24 -15.79
N SER C 146 8.95 39.87 -14.59
CA SER C 146 7.82 40.54 -13.96
C SER C 146 7.84 40.25 -12.47
N GLY C 147 7.57 41.28 -11.67
CA GLY C 147 7.44 41.15 -10.22
C GLY C 147 8.58 40.44 -9.54
N GLY C 148 9.80 40.85 -9.82
CA GLY C 148 10.97 40.27 -9.20
C GLY C 148 11.49 38.97 -9.78
N THR C 149 10.77 38.36 -10.72
CA THR C 149 11.18 37.09 -11.32
C THR C 149 11.47 37.29 -12.81
N ALA C 150 12.54 36.66 -13.29
CA ALA C 150 12.92 36.72 -14.70
C ALA C 150 12.88 35.32 -15.29
N ALA C 151 12.47 35.22 -16.55
CA ALA C 151 12.43 33.93 -17.24
C ALA C 151 13.56 33.88 -18.25
N LEU C 152 14.30 32.77 -18.25
CA LEU C 152 15.34 32.51 -19.23
C LEU C 152 15.31 31.02 -19.54
N GLY C 153 15.98 30.63 -20.61
CA GLY C 153 15.94 29.22 -20.93
C GLY C 153 16.85 28.86 -22.08
N CYS C 154 16.69 27.61 -22.54
CA CYS C 154 17.44 27.06 -23.65
C CYS C 154 16.50 26.39 -24.63
N LEU C 155 16.73 26.66 -25.92
CA LEU C 155 16.05 26.01 -27.02
C LEU C 155 16.93 24.89 -27.54
N VAL C 156 16.44 23.65 -27.45
CA VAL C 156 17.20 22.49 -27.90
C VAL C 156 16.54 22.02 -29.19
N LYS C 157 17.07 22.47 -30.34
CA LYS C 157 16.42 22.37 -31.63
C LYS C 157 17.08 21.34 -32.57
N ASP C 158 16.25 20.60 -33.29
CA ASP C 158 16.65 19.77 -34.43
C ASP C 158 17.61 18.65 -34.01
N TYR C 159 17.07 17.72 -33.23
CA TYR C 159 17.82 16.52 -32.86
C TYR C 159 17.01 15.29 -33.20
N PHE C 160 17.71 14.17 -33.29
CA PHE C 160 17.06 12.89 -33.56
C PHE C 160 17.98 11.76 -33.14
N PRO C 161 17.47 10.73 -32.43
CA PRO C 161 16.08 10.56 -31.98
C PRO C 161 15.92 11.09 -30.57
N GLU C 162 14.76 10.85 -29.94
CA GLU C 162 14.64 11.06 -28.50
C GLU C 162 15.59 10.08 -27.80
N PRO C 163 16.03 10.39 -26.58
CA PRO C 163 15.68 11.56 -25.78
C PRO C 163 16.83 12.50 -25.67
N VAL C 164 16.60 13.62 -25.01
CA VAL C 164 17.64 14.55 -24.62
C VAL C 164 17.38 14.91 -23.16
N THR C 165 18.44 15.14 -22.39
CA THR C 165 18.30 15.60 -21.02
C THR C 165 18.87 17.01 -20.93
N VAL C 166 18.25 17.83 -20.09
CA VAL C 166 18.69 19.19 -19.83
C VAL C 166 18.79 19.34 -18.33
N SER C 167 19.80 20.06 -17.88
CA SER C 167 19.91 20.45 -16.49
C SER C 167 20.45 21.86 -16.48
N TRP C 168 20.41 22.49 -15.31
CA TRP C 168 20.85 23.87 -15.18
C TRP C 168 21.96 23.97 -14.15
N ASN C 169 23.01 24.70 -14.49
CA ASN C 169 24.16 24.91 -13.62
C ASN C 169 24.67 23.58 -13.05
N SER C 170 24.85 22.62 -13.96
CA SER C 170 25.32 21.27 -13.70
C SER C 170 24.47 20.55 -12.66
N GLY C 171 23.23 20.99 -12.47
CA GLY C 171 22.37 20.38 -11.47
C GLY C 171 22.21 21.16 -10.19
N ALA C 172 22.90 22.29 -10.02
CA ALA C 172 22.72 23.11 -8.82
C ALA C 172 21.43 23.92 -8.84
N LEU C 173 20.89 24.21 -10.01
CA LEU C 173 19.66 24.98 -10.14
C LEU C 173 18.52 24.01 -10.47
N THR C 174 17.61 23.81 -9.53
CA THR C 174 16.50 22.89 -9.75
C THR C 174 15.13 23.52 -9.56
N SER C 175 14.99 24.54 -8.72
CA SER C 175 13.69 25.18 -8.51
C SER C 175 13.40 26.18 -9.61
N GLY C 176 12.15 26.17 -10.08
CA GLY C 176 11.78 27.06 -11.17
C GLY C 176 12.08 26.53 -12.55
N VAL C 177 12.62 25.32 -12.67
CA VAL C 177 12.93 24.76 -13.98
C VAL C 177 11.68 24.13 -14.58
N HIS C 178 11.40 24.47 -15.82
CA HIS C 178 10.30 23.84 -16.56
C HIS C 178 10.88 23.37 -17.89
N THR C 179 11.01 22.06 -18.05
CA THR C 179 11.40 21.50 -19.34
C THR C 179 10.16 20.90 -19.98
N PHE C 180 9.96 21.24 -21.11
CA PHE C 180 8.76 20.96 -21.86
C PHE C 180 8.90 19.66 -22.65
N PRO C 181 7.79 18.97 -22.88
CA PRO C 181 7.78 17.87 -23.85
C PRO C 181 8.33 18.33 -25.21
N ALA C 182 9.08 17.45 -25.84
CA ALA C 182 9.60 17.72 -27.17
C ALA C 182 8.46 17.76 -28.17
N VAL C 183 8.69 18.44 -29.29
CA VAL C 183 7.76 18.39 -30.42
C VAL C 183 8.48 17.79 -31.62
N LEU C 184 7.74 16.99 -32.39
CA LEU C 184 8.21 16.37 -33.62
C LEU C 184 7.87 17.35 -34.73
N GLN C 185 8.89 17.82 -35.43
CA GLN C 185 8.69 18.83 -36.46
C GLN C 185 8.54 18.14 -37.82
N SER C 186 8.01 18.88 -38.78
CA SER C 186 7.77 18.28 -40.09
C SER C 186 9.07 17.81 -40.75
N SER C 187 10.22 18.34 -40.32
CA SER C 187 11.50 17.86 -40.81
C SER C 187 11.82 16.45 -40.34
N GLY C 188 11.06 15.91 -39.39
CA GLY C 188 11.41 14.63 -38.80
C GLY C 188 12.35 14.74 -37.61
N LEU C 189 12.80 15.94 -37.27
CA LEU C 189 13.65 16.22 -36.12
C LEU C 189 12.82 16.78 -34.96
N TYR C 190 13.32 16.56 -33.75
CA TYR C 190 12.66 16.99 -32.54
C TYR C 190 13.17 18.35 -32.10
N SER C 191 12.39 18.99 -31.24
CA SER C 191 12.80 20.25 -30.65
C SER C 191 12.11 20.38 -29.30
N LEU C 192 12.83 20.90 -28.31
CA LEU C 192 12.20 21.18 -27.03
C LEU C 192 12.79 22.44 -26.44
N SER C 193 12.14 22.88 -25.37
CA SER C 193 12.50 24.08 -24.64
C SER C 193 12.64 23.74 -23.16
N SER C 194 13.56 24.41 -22.49
CA SER C 194 13.75 24.33 -21.05
C SER C 194 13.89 25.76 -20.56
N VAL C 195 13.08 26.15 -19.57
CA VAL C 195 13.11 27.51 -19.04
C VAL C 195 13.28 27.42 -17.53
N VAL C 196 13.90 28.44 -16.95
CA VAL C 196 13.94 28.54 -15.49
C VAL C 196 13.58 29.96 -15.11
N THR C 197 12.87 30.11 -14.00
CA THR C 197 12.55 31.43 -13.45
C THR C 197 13.44 31.65 -12.26
N VAL C 198 14.03 32.87 -12.19
CA VAL C 198 15.08 33.21 -11.25
C VAL C 198 14.87 34.64 -10.80
N PRO C 199 15.41 35.02 -9.65
CA PRO C 199 15.23 36.40 -9.18
C PRO C 199 15.81 37.39 -10.19
N SER C 200 15.08 38.49 -10.40
CA SER C 200 15.55 39.55 -11.28
C SER C 200 16.87 40.13 -10.82
N SER C 201 17.10 40.20 -9.51
CA SER C 201 18.32 40.81 -9.02
C SER C 201 19.54 39.92 -9.23
N SER C 202 19.34 38.65 -9.57
CA SER C 202 20.47 37.73 -9.73
C SER C 202 21.14 37.88 -11.10
N LEU C 203 20.44 38.38 -12.11
CA LEU C 203 21.03 38.49 -13.43
C LEU C 203 22.21 39.45 -13.36
N GLY C 204 23.29 39.09 -14.04
CA GLY C 204 24.52 39.86 -13.94
C GLY C 204 25.34 39.58 -12.71
N THR C 205 24.77 39.00 -11.66
CA THR C 205 25.56 38.51 -10.54
C THR C 205 25.72 36.99 -10.55
N GLN C 206 24.77 36.26 -11.12
CA GLN C 206 24.78 34.81 -11.13
C GLN C 206 24.72 34.31 -12.57
N THR C 207 25.65 33.44 -12.95
CA THR C 207 25.65 32.90 -14.29
C THR C 207 24.79 31.64 -14.36
N TYR C 208 24.16 31.45 -15.53
CA TYR C 208 23.26 30.34 -15.77
C TYR C 208 23.69 29.60 -17.03
N ILE C 209 23.89 28.29 -16.91
CA ILE C 209 24.28 27.46 -18.05
C ILE C 209 23.29 26.32 -18.11
N CYS C 210 22.74 26.07 -19.29
CA CYS C 210 21.99 24.83 -19.46
C CYS C 210 22.94 23.78 -20.02
N ASN C 211 22.82 22.56 -19.51
CA ASN C 211 23.69 21.45 -19.88
C ASN C 211 22.85 20.44 -20.63
N VAL C 212 23.10 20.30 -21.92
CA VAL C 212 22.27 19.50 -22.79
C VAL C 212 23.04 18.24 -23.15
N ASN C 213 22.42 17.08 -22.93
CA ASN C 213 23.00 15.79 -23.26
C ASN C 213 22.08 15.08 -24.25
N HIS C 214 22.62 14.71 -25.40
CA HIS C 214 21.95 13.84 -26.37
C HIS C 214 22.84 12.62 -26.61
N LYS C 215 22.61 11.54 -25.86
CA LYS C 215 23.49 10.37 -26.01
C LYS C 215 23.47 9.72 -27.38
N PRO C 216 22.36 9.60 -28.09
CA PRO C 216 22.41 8.92 -29.40
C PRO C 216 23.45 9.54 -30.34
N SER C 217 23.68 10.84 -30.29
CA SER C 217 24.69 11.48 -31.11
C SER C 217 25.96 11.80 -30.33
N ASN C 218 26.04 11.40 -29.08
CA ASN C 218 27.22 11.67 -28.27
C ASN C 218 27.50 13.17 -28.17
N THR C 219 26.43 13.96 -28.14
CA THR C 219 26.51 15.41 -28.07
C THR C 219 26.40 15.87 -26.62
N LYS C 220 27.23 16.83 -26.25
CA LYS C 220 27.22 17.41 -24.91
C LYS C 220 27.47 18.90 -25.05
N VAL C 221 26.53 19.72 -24.60
CA VAL C 221 26.61 21.16 -24.80
C VAL C 221 26.33 21.88 -23.49
N ASP C 222 27.21 22.82 -23.14
CA ASP C 222 27.00 23.75 -22.05
C ASP C 222 26.83 25.13 -22.70
N LYS C 223 25.65 25.71 -22.56
CA LYS C 223 25.34 26.99 -23.20
C LYS C 223 25.04 28.00 -22.10
N LYS C 224 25.91 29.00 -21.97
CA LYS C 224 25.68 30.09 -21.03
C LYS C 224 24.57 31.00 -21.53
N VAL C 225 23.59 31.26 -20.68
CA VAL C 225 22.43 32.10 -21.02
C VAL C 225 22.56 33.39 -20.24
N GLU C 226 22.80 34.49 -20.93
CA GLU C 226 22.96 35.77 -20.26
C GLU C 226 22.16 36.85 -20.97
N PRO C 227 21.84 37.95 -20.26
CA PRO C 227 21.10 39.06 -20.88
C PRO C 227 21.88 39.65 -22.06
N LYS C 228 21.15 40.19 -23.03
CA LYS C 228 21.76 40.81 -24.21
C LYS C 228 21.84 42.33 -24.03
N SER C 229 22.84 42.92 -24.67
CA SER C 229 23.00 44.38 -24.71
C SER C 229 21.91 45.06 -25.54
N ASP D 20 17.41 15.62 11.23
CA ASP D 20 18.32 15.63 10.09
C ASP D 20 19.27 14.41 10.25
N ARG D 21 20.60 14.59 10.20
CA ARG D 21 21.56 13.51 10.43
C ARG D 21 22.65 13.89 11.42
N PRO D 22 22.36 13.79 12.73
CA PRO D 22 23.42 13.60 13.72
C PRO D 22 23.95 12.17 13.77
N TRP D 23 23.37 11.29 12.95
CA TRP D 23 23.79 9.91 12.86
C TRP D 23 25.14 9.82 12.15
N ASN D 24 25.98 8.89 12.61
CA ASN D 24 27.23 8.66 11.91
C ASN D 24 27.09 7.42 11.06
N PRO D 25 27.02 7.54 9.75
CA PRO D 25 26.98 6.36 8.89
C PRO D 25 28.37 5.94 8.48
N PRO D 26 28.59 4.67 8.17
CA PRO D 26 29.85 4.30 7.53
C PRO D 26 29.89 4.95 6.15
N THR D 27 31.11 5.14 5.64
CA THR D 27 31.25 5.61 4.29
C THR D 27 31.75 4.46 3.43
N PHE D 28 31.34 4.48 2.16
CA PHE D 28 31.65 3.40 1.21
C PHE D 28 32.17 4.01 -0.10
N SER D 29 33.48 4.09 -0.26
CA SER D 29 34.25 4.71 -1.34
C SER D 29 34.99 3.64 -2.18
N PRO D 30 35.18 3.87 -3.48
CA PRO D 30 34.75 5.06 -4.20
C PRO D 30 33.31 4.96 -4.64
N ALA D 31 32.75 6.08 -5.07
CA ALA D 31 31.37 6.09 -5.55
C ALA D 31 31.22 5.25 -6.81
N LEU D 32 32.27 5.17 -7.63
CA LEU D 32 32.24 4.36 -8.84
C LEU D 32 33.60 3.71 -8.96
N LEU D 33 33.64 2.39 -8.76
CA LEU D 33 34.80 1.56 -9.06
C LEU D 33 34.60 0.92 -10.43
N VAL D 34 35.54 1.16 -11.34
CA VAL D 34 35.60 0.46 -12.62
C VAL D 34 36.85 -0.41 -12.65
N VAL D 35 36.69 -1.69 -12.94
CA VAL D 35 37.82 -2.62 -13.10
C VAL D 35 37.51 -3.52 -14.29
N THR D 36 38.53 -4.25 -14.71
CA THR D 36 38.36 -5.16 -15.83
C THR D 36 38.25 -6.59 -15.30
N GLU D 37 37.55 -7.44 -16.05
CA GLU D 37 37.23 -8.76 -15.53
C GLU D 37 38.51 -9.49 -15.15
N GLY D 38 38.48 -10.12 -13.98
CA GLY D 38 39.61 -10.86 -13.45
C GLY D 38 40.51 -10.10 -12.51
N ASP D 39 40.11 -8.93 -12.06
CA ASP D 39 40.97 -8.09 -11.26
C ASP D 39 40.26 -7.92 -9.93
N ASN D 40 41.05 -7.70 -8.89
CA ASN D 40 40.45 -7.46 -7.59
C ASN D 40 39.78 -6.09 -7.59
N ALA D 41 38.52 -6.05 -7.17
CA ALA D 41 37.78 -4.81 -7.01
C ALA D 41 37.64 -4.57 -5.52
N THR D 42 38.22 -3.47 -5.04
CA THR D 42 38.34 -3.21 -3.61
C THR D 42 37.60 -1.93 -3.28
N PHE D 43 36.49 -2.06 -2.57
CA PHE D 43 35.83 -0.93 -1.93
C PHE D 43 36.43 -0.71 -0.55
N THR D 44 36.09 0.43 0.05
CA THR D 44 36.58 0.76 1.38
C THR D 44 35.43 1.31 2.22
N CYS D 45 35.05 0.54 3.23
CA CYS D 45 34.00 0.92 4.14
C CYS D 45 34.68 1.49 5.39
N SER D 46 34.33 2.73 5.76
CA SER D 46 34.95 3.43 6.88
C SER D 46 33.90 3.69 7.94
N PHE D 47 34.08 3.12 9.13
CA PHE D 47 33.17 3.29 10.24
C PHE D 47 33.93 3.61 11.53
N SER D 48 33.77 4.82 12.06
CA SER D 48 34.28 5.10 13.41
C SER D 48 33.32 4.49 14.43
N ASN D 49 33.73 3.42 15.12
CA ASN D 49 32.78 2.63 15.89
C ASN D 49 32.44 3.27 17.24
N THR D 50 31.23 2.96 17.72
CA THR D 50 30.77 3.53 18.98
C THR D 50 31.50 2.88 20.14
N SER D 51 31.53 1.54 20.16
CA SER D 51 32.22 0.73 21.15
C SER D 51 32.84 -0.46 20.43
N GLU D 52 33.44 -1.37 21.19
CA GLU D 52 34.03 -2.58 20.63
C GLU D 52 32.98 -3.54 20.07
N SER D 53 31.69 -3.24 20.26
CA SER D 53 30.58 -4.14 19.97
C SER D 53 29.87 -3.66 18.70
N PHE D 54 30.36 -4.13 17.55
CA PHE D 54 29.79 -3.72 16.26
C PHE D 54 30.10 -4.77 15.20
N VAL D 55 29.27 -4.79 14.17
CA VAL D 55 29.41 -5.69 13.03
C VAL D 55 29.23 -4.87 11.76
N LEU D 56 29.96 -5.26 10.72
CA LEU D 56 29.90 -4.61 9.41
C LEU D 56 29.43 -5.60 8.36
N ASN D 57 28.35 -5.27 7.67
CA ASN D 57 27.86 -6.11 6.58
C ASN D 57 28.20 -5.47 5.23
N TRP D 58 28.52 -6.31 4.25
CA TRP D 58 28.76 -5.88 2.87
C TRP D 58 27.56 -6.34 2.03
N TYR D 59 26.91 -5.40 1.38
CA TYR D 59 25.67 -5.70 0.67
C TYR D 59 25.79 -5.42 -0.83
N ARG D 60 24.95 -6.10 -1.58
CA ARG D 60 24.72 -5.86 -2.99
C ARG D 60 23.22 -5.74 -3.25
N MET D 61 22.85 -4.78 -4.11
CA MET D 61 21.46 -4.59 -4.54
C MET D 61 21.11 -5.54 -5.68
N SER D 62 19.88 -5.99 -5.70
CA SER D 62 19.39 -6.98 -6.66
C SER D 62 18.55 -6.33 -7.75
N PRO D 63 18.21 -7.08 -8.81
CA PRO D 63 17.24 -6.55 -9.80
C PRO D 63 16.00 -6.01 -9.12
N SER D 64 15.47 -6.79 -8.18
CA SER D 64 14.32 -6.35 -7.40
C SER D 64 14.70 -5.30 -6.36
N ASN D 65 15.93 -4.77 -6.41
CA ASN D 65 16.36 -3.71 -5.50
C ASN D 65 16.16 -4.12 -4.03
N GLN D 66 16.47 -5.39 -3.78
CA GLN D 66 16.56 -6.05 -2.49
C GLN D 66 18.03 -6.13 -2.09
N THR D 67 18.27 -6.24 -0.80
CA THR D 67 19.63 -6.11 -0.25
C THR D 67 20.13 -7.46 0.25
N ASP D 68 21.19 -7.96 -0.39
CA ASP D 68 21.75 -9.28 -0.17
C ASP D 68 23.14 -9.20 0.47
N LYS D 69 23.33 -9.94 1.55
CA LYS D 69 24.60 -9.95 2.27
C LYS D 69 25.67 -10.72 1.49
N LEU D 70 26.89 -10.18 1.45
CA LEU D 70 28.00 -10.79 0.72
C LEU D 70 29.12 -11.26 1.62
N ALA D 71 29.41 -10.52 2.68
CA ALA D 71 30.45 -10.87 3.64
C ALA D 71 30.24 -9.97 4.85
N ALA D 72 31.05 -10.18 5.89
CA ALA D 72 30.92 -9.39 7.11
C ALA D 72 32.29 -9.22 7.73
N PHE D 73 32.46 -8.13 8.50
CA PHE D 73 33.75 -7.93 9.16
C PHE D 73 34.03 -8.99 10.21
N PRO D 74 33.18 -9.25 11.18
CA PRO D 74 33.37 -10.52 11.86
C PRO D 74 33.03 -11.55 10.79
N GLU D 75 34.04 -11.92 9.99
CA GLU D 75 33.88 -12.88 8.89
C GLU D 75 33.08 -14.08 9.37
N ASP D 76 31.89 -14.27 8.80
CA ASP D 76 31.14 -15.47 9.11
C ASP D 76 31.62 -16.61 8.22
N ARG D 77 31.74 -17.80 8.80
CA ARG D 77 32.26 -18.96 8.09
C ARG D 77 31.86 -20.25 8.81
N SER D 84 35.73 -17.81 -0.20
CA SER D 84 34.80 -17.06 -1.05
C SER D 84 35.43 -15.81 -1.60
N ARG D 85 34.92 -15.38 -2.74
CA ARG D 85 35.52 -14.30 -3.52
C ARG D 85 35.30 -12.93 -2.89
N PHE D 86 34.38 -12.79 -1.95
CA PHE D 86 34.12 -11.52 -1.31
C PHE D 86 34.72 -11.58 0.08
N ARG D 87 35.72 -10.73 0.32
CA ARG D 87 36.48 -10.74 1.56
C ARG D 87 36.41 -9.37 2.20
N VAL D 88 36.14 -9.35 3.50
CA VAL D 88 36.23 -8.13 4.32
C VAL D 88 37.43 -8.29 5.24
N THR D 89 38.39 -7.39 5.12
CA THR D 89 39.57 -7.39 5.97
C THR D 89 39.77 -5.99 6.55
N GLN D 90 40.06 -5.93 7.84
CA GLN D 90 40.25 -4.68 8.59
C GLN D 90 41.65 -4.13 8.37
N LEU D 91 41.76 -2.82 8.42
CA LEU D 91 43.03 -2.15 8.23
C LEU D 91 43.63 -1.76 9.57
N PRO D 92 44.95 -1.50 9.60
CA PRO D 92 45.57 -1.14 10.88
C PRO D 92 44.93 0.05 11.58
N ASN D 93 44.46 1.06 10.84
CA ASN D 93 43.89 2.25 11.50
C ASN D 93 42.67 1.86 12.32
N GLY D 94 42.01 0.77 11.94
CA GLY D 94 40.80 0.34 12.58
C GLY D 94 39.54 0.82 11.89
N ARG D 95 39.53 2.08 11.41
CA ARG D 95 38.23 2.59 11.02
C ARG D 95 37.92 2.21 9.56
N ASP D 96 38.94 1.82 8.80
CA ASP D 96 38.83 1.47 7.39
C ASP D 96 38.80 -0.04 7.22
N PHE D 97 37.95 -0.49 6.31
CA PHE D 97 37.80 -1.91 6.03
C PHE D 97 37.83 -2.06 4.52
N HIS D 98 38.58 -3.04 4.05
CA HIS D 98 38.67 -3.34 2.63
C HIS D 98 37.67 -4.45 2.32
N MET D 99 36.81 -4.19 1.35
CA MET D 99 35.84 -5.16 0.90
C MET D 99 36.13 -5.40 -0.57
N SER D 100 36.63 -6.59 -0.88
CA SER D 100 37.21 -6.87 -2.19
C SER D 100 36.51 -8.04 -2.82
N VAL D 101 36.19 -7.89 -4.10
CA VAL D 101 35.73 -8.99 -4.93
C VAL D 101 36.96 -9.57 -5.61
N VAL D 102 37.26 -10.84 -5.33
CA VAL D 102 38.41 -11.51 -5.94
C VAL D 102 37.97 -12.12 -7.26
N ARG D 103 38.79 -11.98 -8.30
CA ARG D 103 38.45 -12.39 -9.65
C ARG D 103 37.10 -11.82 -10.08
N ALA D 104 37.02 -10.50 -10.21
CA ALA D 104 35.74 -9.90 -10.53
C ALA D 104 35.22 -10.45 -11.87
N ARG D 105 33.92 -10.73 -11.93
CA ARG D 105 33.33 -11.13 -13.21
C ARG D 105 32.44 -10.01 -13.70
N ARG D 106 31.97 -10.14 -14.95
CA ARG D 106 31.13 -9.10 -15.49
C ARG D 106 29.80 -9.01 -14.75
N ASN D 107 29.25 -10.15 -14.35
CA ASN D 107 27.97 -10.15 -13.62
C ASN D 107 28.10 -9.60 -12.21
N ASP D 108 29.32 -9.38 -11.73
CA ASP D 108 29.55 -8.67 -10.47
C ASP D 108 29.24 -7.19 -10.57
N SER D 109 28.85 -6.68 -11.74
CA SER D 109 28.54 -5.26 -11.84
C SER D 109 27.19 -5.04 -11.19
N GLY D 110 27.07 -3.92 -10.50
CA GLY D 110 25.85 -3.60 -9.80
C GLY D 110 26.15 -2.60 -8.69
N THR D 111 25.28 -2.62 -7.69
CA THR D 111 25.27 -1.58 -6.67
C THR D 111 25.58 -2.18 -5.30
N TYR D 112 26.46 -1.52 -4.56
CA TYR D 112 27.00 -2.06 -3.32
C TYR D 112 26.99 -1.00 -2.21
N LEU D 113 27.01 -1.48 -0.97
CA LEU D 113 27.03 -0.62 0.21
C LEU D 113 27.41 -1.47 1.41
N CYS D 114 27.73 -0.79 2.50
CA CYS D 114 28.02 -1.48 3.75
C CYS D 114 27.09 -0.99 4.86
N GLY D 115 26.92 -1.84 5.88
CA GLY D 115 26.08 -1.55 7.01
C GLY D 115 26.80 -1.73 8.33
N ALA D 116 26.73 -0.71 9.17
CA ALA D 116 27.32 -0.73 10.49
C ALA D 116 26.23 -1.07 11.50
N ILE D 117 26.38 -2.21 12.16
CA ILE D 117 25.43 -2.70 13.16
C ILE D 117 26.08 -2.46 14.51
N SER D 118 25.60 -1.46 15.24
CA SER D 118 26.09 -1.15 16.57
C SER D 118 25.15 -1.79 17.59
N LEU D 119 25.75 -2.35 18.64
CA LEU D 119 25.01 -3.10 19.64
C LEU D 119 25.00 -2.43 21.00
N ALA D 120 25.96 -1.56 21.27
CA ALA D 120 26.10 -0.81 22.52
C ALA D 120 26.94 0.41 22.21
N PRO D 121 26.73 1.53 22.92
CA PRO D 121 25.73 1.74 23.97
C PRO D 121 24.29 1.84 23.44
N LYS D 122 24.09 2.19 22.17
CA LYS D 122 22.76 2.32 21.58
C LYS D 122 22.62 1.29 20.46
N ALA D 123 21.54 0.50 20.52
CA ALA D 123 21.28 -0.45 19.44
C ALA D 123 20.87 0.31 18.18
N GLN D 124 21.60 0.08 17.07
CA GLN D 124 21.34 0.82 15.84
C GLN D 124 22.03 0.14 14.65
N ILE D 125 21.43 0.30 13.47
CA ILE D 125 22.09 0.04 12.18
C ILE D 125 22.11 1.31 11.35
N LYS D 126 23.25 1.56 10.72
CA LYS D 126 23.39 2.70 9.83
C LYS D 126 24.09 2.24 8.55
N GLU D 127 23.42 2.43 7.41
CA GLU D 127 23.92 1.95 6.13
C GLU D 127 24.58 3.09 5.35
N SER D 128 25.58 2.74 4.56
CA SER D 128 26.33 3.76 3.85
C SER D 128 25.56 4.17 2.60
N LEU D 129 26.01 5.25 1.97
CA LEU D 129 25.54 5.54 0.62
C LEU D 129 26.04 4.47 -0.34
N ARG D 130 25.30 4.27 -1.42
CA ARG D 130 25.56 3.20 -2.36
C ARG D 130 26.60 3.60 -3.40
N ALA D 131 27.34 2.61 -3.88
CA ALA D 131 28.35 2.80 -4.92
C ALA D 131 28.10 1.80 -6.02
N GLU D 132 28.66 2.09 -7.19
CA GLU D 132 28.52 1.23 -8.36
C GLU D 132 29.85 0.53 -8.63
N LEU D 133 29.77 -0.76 -8.93
CA LEU D 133 30.91 -1.49 -9.45
C LEU D 133 30.65 -1.82 -10.92
N ARG D 134 31.59 -1.43 -11.78
CA ARG D 134 31.42 -1.56 -13.22
C ARG D 134 32.60 -2.42 -13.68
N VAL D 135 32.31 -3.63 -14.16
CA VAL D 135 33.32 -4.60 -14.57
C VAL D 135 33.35 -4.68 -16.09
N THR D 136 34.47 -4.29 -16.68
CA THR D 136 34.63 -4.22 -18.12
C THR D 136 35.27 -5.50 -18.66
N GLU D 137 35.23 -5.64 -19.99
CA GLU D 137 35.67 -6.86 -20.66
C GLU D 137 37.18 -6.89 -20.86
N GLY D 138 37.76 -8.09 -20.74
CA GLY D 138 39.17 -8.31 -21.07
C GLY D 138 39.39 -9.01 -22.39
N ALA E 1 14.98 8.00 33.27
CA ALA E 1 13.53 7.93 33.18
C ALA E 1 13.01 8.90 32.13
N ALA E 2 12.36 8.36 31.10
CA ALA E 2 11.76 9.15 30.03
C ALA E 2 10.26 8.91 30.00
N GLN E 3 9.49 9.97 29.76
CA GLN E 3 8.05 9.82 29.79
C GLN E 3 7.47 10.44 28.53
N LEU E 4 6.49 9.77 27.91
CA LEU E 4 5.95 10.19 26.63
C LEU E 4 4.49 10.57 26.80
N THR E 5 4.18 11.84 26.59
CA THR E 5 2.82 12.32 26.74
C THR E 5 2.22 12.52 25.36
N GLN E 6 1.10 11.86 25.11
CA GLN E 6 0.44 11.88 23.82
C GLN E 6 -0.88 12.62 23.97
N SER E 7 -1.21 13.48 22.98
CA SER E 7 -2.43 14.29 23.07
C SER E 7 -3.08 14.45 21.70
N PRO E 8 -4.43 14.47 21.64
CA PRO E 8 -5.29 14.28 22.81
C PRO E 8 -5.41 12.79 23.15
N SER E 9 -6.22 12.50 24.17
CA SER E 9 -6.45 11.12 24.53
C SER E 9 -7.33 10.42 23.50
N SER E 10 -8.35 11.12 23.01
CA SER E 10 -9.14 10.62 21.90
C SER E 10 -9.69 11.79 21.13
N LEU E 11 -10.01 11.56 19.87
CA LEU E 11 -10.65 12.58 19.06
C LEU E 11 -11.65 11.91 18.12
N SER E 12 -12.66 12.68 17.73
CA SER E 12 -13.65 12.28 16.75
C SER E 12 -13.50 13.16 15.52
N ALA E 13 -13.60 12.55 14.35
CA ALA E 13 -13.46 13.31 13.11
C ALA E 13 -14.26 12.62 12.02
N SER E 14 -14.53 13.36 10.96
CA SER E 14 -15.23 12.83 9.80
C SER E 14 -14.22 12.43 8.74
N VAL E 15 -14.67 11.57 7.83
CA VAL E 15 -13.82 11.21 6.69
C VAL E 15 -13.49 12.47 5.92
N GLY E 16 -12.23 12.60 5.48
CA GLY E 16 -11.76 13.78 4.81
C GLY E 16 -11.12 14.83 5.71
N ASP E 17 -11.37 14.75 7.02
CA ASP E 17 -10.86 15.71 7.97
C ASP E 17 -9.35 15.58 8.15
N ARG E 18 -8.74 16.67 8.55
CA ARG E 18 -7.35 16.71 8.99
C ARG E 18 -7.30 16.60 10.51
N VAL E 19 -6.49 15.66 11.03
CA VAL E 19 -6.27 15.54 12.46
C VAL E 19 -4.78 15.59 12.79
N THR E 20 -4.47 16.18 13.92
CA THR E 20 -3.11 16.18 14.45
C THR E 20 -3.09 15.48 15.80
N ILE E 21 -2.13 14.59 15.97
CA ILE E 21 -1.86 13.90 17.23
C ILE E 21 -0.47 14.32 17.67
N THR E 22 -0.36 14.75 18.90
CA THR E 22 0.90 15.25 19.40
C THR E 22 1.53 14.27 20.40
N CYS E 23 2.85 14.30 20.46
CA CYS E 23 3.60 13.42 21.34
C CYS E 23 4.78 14.23 21.86
N GLN E 24 4.85 14.42 23.18
CA GLN E 24 5.88 15.26 23.80
C GLN E 24 6.64 14.45 24.84
N SER E 25 7.97 14.53 24.78
CA SER E 25 8.87 13.66 25.54
C SER E 25 9.61 14.45 26.63
N SER E 26 9.80 13.81 27.80
CA SER E 26 10.45 14.49 28.92
C SER E 26 11.88 14.88 28.59
N GLN E 27 12.55 14.13 27.73
CA GLN E 27 13.92 14.42 27.32
C GLN E 27 14.03 14.12 25.83
N SER E 28 15.04 14.71 25.19
CA SER E 28 15.23 14.54 23.76
C SER E 28 15.44 13.08 23.41
N VAL E 29 14.73 12.61 22.37
CA VAL E 29 14.90 11.26 21.89
C VAL E 29 16.28 11.13 21.25
N TYR E 30 16.72 9.91 21.00
CA TYR E 30 18.08 9.68 20.51
C TYR E 30 18.27 10.36 19.15
N ASN E 31 19.37 11.10 19.03
CA ASN E 31 19.72 11.83 17.80
C ASN E 31 18.60 12.78 17.34
N ASN E 32 17.73 13.20 18.26
CA ASN E 32 16.63 14.13 18.10
C ASN E 32 15.49 13.60 17.23
N ASN E 33 15.57 12.36 16.72
CA ASN E 33 14.45 11.89 15.90
C ASN E 33 14.25 10.37 15.96
N ASP E 34 14.79 9.66 16.95
CA ASP E 34 14.48 8.24 17.14
C ASP E 34 13.05 8.13 17.64
N LEU E 35 12.08 8.29 16.73
CA LEU E 35 10.68 8.28 17.10
C LEU E 35 9.84 7.63 16.02
N ALA E 36 8.93 6.74 16.41
CA ALA E 36 8.06 6.04 15.48
C ALA E 36 6.61 6.22 15.90
N TRP E 37 5.72 5.98 14.93
CA TRP E 37 4.28 5.99 15.15
C TRP E 37 3.70 4.67 14.69
N TYR E 38 2.70 4.18 15.43
CA TYR E 38 2.08 2.89 15.18
C TYR E 38 0.57 3.08 15.09
N GLN E 39 -0.05 2.30 14.21
CA GLN E 39 -1.49 2.23 14.09
C GLN E 39 -1.92 0.86 14.60
N GLN E 40 -2.94 0.83 15.46
CA GLN E 40 -3.44 -0.43 16.03
C GLN E 40 -4.96 -0.49 15.96
N LYS E 41 -5.47 -1.64 15.54
CA LYS E 41 -6.89 -1.89 15.50
C LYS E 41 -7.26 -3.00 16.48
N PRO E 42 -8.51 -3.05 16.92
CA PRO E 42 -8.88 -4.01 17.98
C PRO E 42 -8.57 -5.45 17.58
N GLY E 43 -8.01 -6.20 18.54
CA GLY E 43 -7.74 -7.61 18.33
C GLY E 43 -6.59 -7.91 17.40
N LYS E 44 -5.91 -6.88 16.87
CA LYS E 44 -4.83 -6.95 15.90
C LYS E 44 -3.56 -6.35 16.49
N PRO E 45 -2.40 -6.84 16.10
CA PRO E 45 -1.14 -6.25 16.57
C PRO E 45 -0.94 -4.86 15.99
N PRO E 46 -0.05 -4.07 16.60
CA PRO E 46 0.24 -2.76 16.04
C PRO E 46 0.95 -2.87 14.70
N LYS E 47 0.83 -1.80 13.91
CA LYS E 47 1.39 -1.76 12.56
C LYS E 47 2.24 -0.50 12.46
N LEU E 48 3.50 -0.66 12.10
CA LEU E 48 4.38 0.49 12.03
C LEU E 48 3.92 1.42 10.89
N LEU E 49 3.71 2.69 11.23
CA LEU E 49 3.20 3.75 10.35
C LEU E 49 4.25 4.75 9.87
N ILE E 50 4.98 5.38 10.80
CA ILE E 50 6.01 6.36 10.50
C ILE E 50 7.27 6.00 11.29
N TYR E 51 8.39 5.88 10.61
CA TYR E 51 9.69 5.76 11.27
C TYR E 51 10.49 7.00 10.91
N THR E 52 10.58 7.95 11.85
CA THR E 52 11.13 9.28 11.55
C THR E 52 12.56 9.25 11.00
N PRO E 53 13.52 8.50 11.55
CA PRO E 53 14.90 8.61 11.06
C PRO E 53 15.09 8.18 9.60
N SER E 54 14.15 7.43 9.01
CA SER E 54 14.26 7.03 7.61
C SER E 54 12.85 6.83 7.09
N SER E 55 12.33 7.84 6.38
CA SER E 55 11.00 7.78 5.78
C SER E 55 10.75 6.41 5.15
N LEU E 56 9.65 5.76 5.57
CA LEU E 56 9.33 4.44 5.06
C LEU E 56 8.99 4.50 3.57
N THR E 57 9.32 3.44 2.86
CA THR E 57 8.92 3.24 1.47
C THR E 57 7.83 2.16 1.33
N SER E 58 7.01 1.98 2.37
CA SER E 58 5.97 0.94 2.37
C SER E 58 4.75 1.31 1.54
N GLY E 59 4.79 2.42 0.83
CA GLY E 59 3.56 2.92 0.25
C GLY E 59 2.63 3.18 1.42
N VAL E 60 3.18 3.79 2.47
CA VAL E 60 2.36 4.42 3.51
C VAL E 60 1.73 5.61 2.80
N PRO E 61 0.41 5.66 2.71
CA PRO E 61 -0.24 6.74 1.94
C PRO E 61 0.24 8.12 2.38
N SER E 62 0.21 9.04 1.41
CA SER E 62 0.79 10.37 1.60
C SER E 62 0.15 11.15 2.73
N ARG E 63 -1.09 10.82 3.10
CA ARG E 63 -1.84 11.58 4.09
C ARG E 63 -1.26 11.43 5.50
N PHE E 64 -0.38 10.48 5.72
CA PHE E 64 0.27 10.35 7.04
C PHE E 64 1.60 11.08 6.98
N SER E 65 1.86 11.93 7.96
CA SER E 65 3.16 12.58 7.98
C SER E 65 3.54 12.92 9.42
N GLY E 66 4.84 12.87 9.69
CA GLY E 66 5.39 13.21 10.98
C GLY E 66 6.24 14.47 10.91
N SER E 67 6.23 15.23 12.00
CA SER E 67 7.05 16.43 12.08
C SER E 67 7.58 16.56 13.51
N GLY E 68 8.62 17.36 13.65
CA GLY E 68 9.16 17.57 14.96
C GLY E 68 10.54 16.94 15.11
N SER E 69 11.29 17.50 16.06
CA SER E 69 12.67 17.13 16.30
C SER E 69 12.98 17.46 17.75
N GLY E 70 13.63 16.51 18.44
CA GLY E 70 14.03 16.69 19.82
C GLY E 70 13.03 16.12 20.81
N THR E 71 12.10 16.95 21.27
CA THR E 71 11.16 16.52 22.29
C THR E 71 9.71 16.57 21.87
N ASP E 72 9.39 17.31 20.82
CA ASP E 72 8.00 17.52 20.41
C ASP E 72 7.81 16.98 19.00
N PHE E 73 6.86 16.07 18.86
CA PHE E 73 6.59 15.42 17.60
C PHE E 73 5.09 15.46 17.31
N THR E 74 4.76 15.50 16.03
CA THR E 74 3.38 15.56 15.59
C THR E 74 3.17 14.53 14.50
N LEU E 75 2.08 13.78 14.62
CA LEU E 75 1.56 12.96 13.54
C LEU E 75 0.35 13.71 12.96
N THR E 76 0.35 13.94 11.65
CA THR E 76 -0.76 14.58 10.96
C THR E 76 -1.35 13.57 9.98
N ILE E 77 -2.66 13.43 9.99
CA ILE E 77 -3.38 12.69 8.95
C ILE E 77 -4.19 13.74 8.20
N SER E 78 -3.83 14.00 6.95
CA SER E 78 -4.37 15.14 6.22
C SER E 78 -5.82 14.96 5.80
N SER E 79 -6.24 13.74 5.52
CA SER E 79 -7.54 13.54 4.88
C SER E 79 -8.03 12.15 5.28
N LEU E 80 -8.68 12.10 6.44
CA LEU E 80 -8.95 10.84 7.12
C LEU E 80 -9.82 9.92 6.27
N GLN E 81 -9.34 8.69 6.09
CA GLN E 81 -10.01 7.63 5.35
C GLN E 81 -10.68 6.66 6.32
N PRO E 82 -11.71 5.93 5.87
CA PRO E 82 -12.40 4.98 6.78
C PRO E 82 -11.47 3.98 7.47
N GLU E 83 -10.48 3.43 6.76
CA GLU E 83 -9.53 2.49 7.33
C GLU E 83 -8.55 3.14 8.30
N ASP E 84 -8.60 4.46 8.52
CA ASP E 84 -7.68 5.12 9.42
C ASP E 84 -8.20 5.22 10.86
N PHE E 85 -9.51 5.03 11.07
CA PHE E 85 -10.03 5.06 12.42
C PHE E 85 -9.47 3.86 13.16
N ALA E 86 -8.74 4.15 14.25
CA ALA E 86 -7.89 3.19 14.94
C ALA E 86 -7.26 3.93 16.11
N THR E 87 -6.42 3.23 16.89
CA THR E 87 -5.65 3.86 17.95
C THR E 87 -4.20 4.04 17.51
N TYR E 88 -3.60 5.19 17.86
CA TYR E 88 -2.27 5.53 17.40
C TYR E 88 -1.34 5.71 18.60
N TYR E 89 -0.11 5.22 18.45
CA TYR E 89 0.87 5.24 19.52
C TYR E 89 2.18 5.82 18.99
N CYS E 90 2.80 6.72 19.76
CA CYS E 90 4.18 7.06 19.45
C CYS E 90 5.14 6.19 20.26
N LEU E 91 6.36 6.03 19.73
CA LEU E 91 7.39 5.21 20.37
C LEU E 91 8.71 5.98 20.34
N GLY E 92 9.28 6.23 21.51
CA GLY E 92 10.50 7.02 21.63
C GLY E 92 11.71 6.18 21.98
N GLY E 93 12.83 6.46 21.30
CA GLY E 93 14.10 5.83 21.56
C GLY E 93 15.08 6.83 22.16
N TYR E 94 15.97 6.33 23.01
CA TYR E 94 16.80 7.23 23.80
C TYR E 94 18.23 6.72 23.77
N ASP E 95 19.13 7.57 24.25
CA ASP E 95 20.54 7.21 24.25
C ASP E 95 20.76 5.88 24.95
N ASP E 96 20.07 5.66 26.06
CA ASP E 96 20.01 4.36 26.71
C ASP E 96 18.70 3.70 26.27
N ASP E 97 18.79 2.54 25.62
CA ASP E 97 17.56 1.89 25.17
C ASP E 97 16.65 1.51 26.33
N SER E 98 17.19 1.44 27.56
CA SER E 98 16.34 1.19 28.73
C SER E 98 15.28 2.26 28.94
N ASP E 99 15.46 3.44 28.35
CA ASP E 99 14.46 4.48 28.50
C ASP E 99 13.34 4.40 27.48
N ASN E 100 13.44 3.50 26.51
CA ASN E 100 12.47 3.46 25.42
C ASN E 100 11.06 3.20 25.95
N ALA E 101 10.07 3.85 25.34
CA ALA E 101 8.70 3.70 25.80
C ALA E 101 7.72 4.22 24.75
N PHE E 102 6.49 3.68 24.83
CA PHE E 102 5.35 4.15 24.06
C PHE E 102 4.65 5.30 24.77
N GLY E 103 4.01 6.17 23.98
CA GLY E 103 3.06 7.09 24.55
C GLY E 103 1.77 6.39 24.92
N GLY E 104 0.94 7.07 25.69
CA GLY E 104 -0.31 6.48 26.16
C GLY E 104 -1.33 6.21 25.08
N GLY E 105 -1.12 6.69 23.85
CA GLY E 105 -2.04 6.34 22.76
C GLY E 105 -3.13 7.39 22.56
N THR E 106 -3.61 7.46 21.33
CA THR E 106 -4.73 8.33 20.95
C THR E 106 -5.73 7.54 20.11
N LYS E 107 -6.97 7.44 20.59
CA LYS E 107 -8.02 6.78 19.82
C LYS E 107 -8.67 7.78 18.86
N VAL E 108 -8.75 7.42 17.59
CA VAL E 108 -9.38 8.25 16.56
C VAL E 108 -10.69 7.58 16.17
N GLU E 109 -11.84 8.19 16.51
CA GLU E 109 -13.12 7.57 16.21
C GLU E 109 -13.90 8.45 15.23
N ILE E 110 -14.96 7.89 14.68
CA ILE E 110 -15.70 8.55 13.61
C ILE E 110 -16.85 9.38 14.17
N LYS E 111 -16.85 10.67 13.79
CA LYS E 111 -17.94 11.58 14.13
C LYS E 111 -19.17 11.29 13.26
N ARG E 112 -20.36 11.36 13.86
CA ARG E 112 -21.61 11.21 13.11
C ARG E 112 -22.72 12.00 13.80
N THR E 113 -23.92 11.91 13.24
CA THR E 113 -25.10 12.54 13.80
C THR E 113 -25.37 12.05 15.22
N VAL E 114 -25.76 12.99 16.09
CA VAL E 114 -26.16 12.61 17.43
C VAL E 114 -27.34 11.65 17.33
N ALA E 115 -27.33 10.64 18.19
CA ALA E 115 -28.39 9.65 18.24
C ALA E 115 -28.60 9.28 19.70
N ALA E 116 -29.85 9.38 20.15
CA ALA E 116 -30.23 9.09 21.51
C ALA E 116 -30.31 7.58 21.74
N PRO E 117 -29.98 7.11 22.93
CA PRO E 117 -30.03 5.67 23.17
C PRO E 117 -31.46 5.20 23.32
N SER E 118 -31.73 3.99 22.83
CA SER E 118 -32.88 3.23 23.32
C SER E 118 -32.49 2.63 24.66
N VAL E 119 -33.35 2.77 25.67
CA VAL E 119 -33.00 2.34 27.02
C VAL E 119 -33.91 1.18 27.42
N PHE E 120 -33.30 0.11 27.90
CA PHE E 120 -34.03 -1.07 28.36
C PHE E 120 -33.54 -1.47 29.74
N ILE E 121 -34.46 -1.91 30.60
CA ILE E 121 -34.12 -2.37 31.93
C ILE E 121 -34.59 -3.80 32.06
N PHE E 122 -33.76 -4.64 32.69
CA PHE E 122 -34.03 -6.06 32.88
C PHE E 122 -33.90 -6.41 34.36
N PRO E 123 -34.96 -6.88 34.99
CA PRO E 123 -34.86 -7.37 36.37
C PRO E 123 -34.05 -8.65 36.46
N PRO E 124 -33.59 -9.02 37.65
CA PRO E 124 -32.91 -10.31 37.79
C PRO E 124 -33.83 -11.46 37.43
N SER E 125 -33.23 -12.55 36.93
CA SER E 125 -33.99 -13.75 36.62
C SER E 125 -34.39 -14.47 37.90
N ASP E 126 -35.41 -15.32 37.79
CA ASP E 126 -35.80 -16.12 38.95
C ASP E 126 -34.75 -17.17 39.27
N GLU E 127 -34.15 -17.77 38.24
CA GLU E 127 -33.07 -18.74 38.44
C GLU E 127 -31.95 -18.13 39.26
N GLN E 128 -31.37 -17.02 38.77
CA GLN E 128 -30.25 -16.39 39.46
C GLN E 128 -30.65 -15.95 40.86
N LEU E 129 -31.88 -15.52 41.03
CA LEU E 129 -32.33 -15.03 42.32
C LEU E 129 -32.29 -16.14 43.36
N LYS E 130 -32.56 -17.38 42.94
CA LYS E 130 -32.44 -18.54 43.82
C LYS E 130 -31.01 -18.80 44.28
N SER E 131 -30.02 -18.20 43.62
CA SER E 131 -28.60 -18.38 43.94
C SER E 131 -28.09 -17.45 45.03
N GLY E 132 -28.91 -16.47 45.46
CA GLY E 132 -28.52 -15.49 46.47
C GLY E 132 -27.97 -14.18 45.93
N THR E 133 -27.97 -13.99 44.62
CA THR E 133 -27.51 -12.76 44.01
C THR E 133 -28.53 -12.25 43.00
N ALA E 134 -28.65 -10.92 42.92
CA ALA E 134 -29.53 -10.25 41.99
C ALA E 134 -28.67 -9.34 41.13
N SER E 135 -28.75 -9.54 39.82
CA SER E 135 -28.14 -8.66 38.83
C SER E 135 -29.25 -7.94 38.08
N VAL E 136 -29.23 -6.63 38.09
CA VAL E 136 -30.16 -5.83 37.31
C VAL E 136 -29.36 -5.21 36.17
N VAL E 137 -29.91 -5.27 34.95
CA VAL E 137 -29.19 -4.82 33.77
C VAL E 137 -29.94 -3.68 33.11
N CYS E 138 -29.17 -2.68 32.67
CA CYS E 138 -29.71 -1.55 31.91
C CYS E 138 -28.96 -1.45 30.58
N LEU E 139 -29.71 -1.43 29.49
CA LEU E 139 -29.16 -1.42 28.14
C LEU E 139 -29.43 -0.07 27.48
N LEU E 140 -28.37 0.61 27.06
CA LEU E 140 -28.43 1.79 26.21
C LEU E 140 -27.98 1.34 24.83
N ASN E 141 -28.81 1.51 23.81
CA ASN E 141 -28.56 0.86 22.53
C ASN E 141 -28.42 1.92 21.44
N ASN E 142 -27.32 1.83 20.67
CA ASN E 142 -27.16 2.54 19.41
C ASN E 142 -27.25 4.06 19.60
N PHE E 143 -26.33 4.61 20.38
CA PHE E 143 -26.32 6.04 20.64
C PHE E 143 -25.01 6.64 20.16
N TYR E 144 -25.02 7.98 20.05
CA TYR E 144 -23.86 8.78 19.67
C TYR E 144 -24.09 10.18 20.24
N PRO E 145 -23.08 10.81 20.83
CA PRO E 145 -21.71 10.33 21.00
C PRO E 145 -21.53 9.40 22.20
N ARG E 146 -20.28 9.06 22.51
CA ARG E 146 -20.07 7.98 23.46
C ARG E 146 -20.56 8.35 24.86
N GLU E 147 -20.34 9.59 25.28
CA GLU E 147 -20.58 10.05 26.63
C GLU E 147 -22.03 9.87 27.04
N ALA E 148 -22.24 9.16 28.16
CA ALA E 148 -23.58 8.88 28.64
C ALA E 148 -23.52 8.62 30.14
N LYS E 149 -24.60 8.97 30.82
CA LYS E 149 -24.65 8.87 32.28
C LYS E 149 -25.74 7.89 32.65
N VAL E 150 -25.36 6.76 33.23
CA VAL E 150 -26.30 5.78 33.76
C VAL E 150 -26.32 5.93 35.27
N GLN E 151 -27.48 6.30 35.82
CA GLN E 151 -27.64 6.50 37.25
C GLN E 151 -28.68 5.50 37.75
N TRP E 152 -28.30 4.63 38.66
CA TRP E 152 -29.23 3.68 39.24
C TRP E 152 -29.93 4.27 40.45
N LYS E 153 -31.22 3.99 40.56
CA LYS E 153 -32.02 4.43 41.69
C LYS E 153 -32.79 3.25 42.23
N VAL E 154 -32.71 3.05 43.55
CA VAL E 154 -33.48 2.03 44.24
C VAL E 154 -34.35 2.73 45.28
N ASP E 155 -35.67 2.66 45.11
CA ASP E 155 -36.63 3.38 45.96
C ASP E 155 -36.19 4.83 46.15
N ASN E 156 -35.81 5.45 45.03
CA ASN E 156 -35.38 6.84 44.90
C ASN E 156 -34.05 7.14 45.57
N ALA E 157 -33.30 6.12 45.95
CA ALA E 157 -31.95 6.35 46.45
C ALA E 157 -30.98 6.18 45.29
N LEU E 158 -30.05 7.12 45.17
CA LEU E 158 -29.08 7.08 44.10
C LEU E 158 -27.98 6.09 44.47
N GLN E 159 -27.72 5.14 43.60
CA GLN E 159 -26.78 4.07 43.89
C GLN E 159 -25.36 4.50 43.54
N SER E 160 -24.41 4.10 44.37
CA SER E 160 -23.00 4.35 44.09
C SER E 160 -22.20 3.12 44.44
N GLY E 161 -21.29 2.74 43.55
CA GLY E 161 -20.28 1.75 43.85
C GLY E 161 -20.71 0.30 43.68
N ASN E 162 -21.95 0.04 43.26
CA ASN E 162 -22.45 -1.32 43.13
C ASN E 162 -22.86 -1.63 41.70
N SER E 163 -22.29 -0.92 40.74
CA SER E 163 -22.59 -1.16 39.34
C SER E 163 -21.29 -1.16 38.52
N GLN E 164 -21.36 -1.81 37.36
CA GLN E 164 -20.24 -1.84 36.43
C GLN E 164 -20.84 -1.73 35.03
N GLU E 165 -20.07 -1.13 34.13
CA GLU E 165 -20.56 -0.94 32.77
C GLU E 165 -19.44 -1.25 31.78
N SER E 166 -19.84 -1.54 30.55
CA SER E 166 -18.90 -1.71 29.46
C SER E 166 -19.60 -1.33 28.17
N VAL E 167 -18.80 -0.89 27.19
CA VAL E 167 -19.30 -0.27 25.99
C VAL E 167 -18.77 -1.01 24.77
N THR E 168 -19.62 -1.16 23.76
CA THR E 168 -19.13 -1.78 22.55
C THR E 168 -18.15 -0.85 21.81
N GLU E 169 -17.39 -1.43 20.89
CA GLU E 169 -16.67 -0.61 19.94
C GLU E 169 -17.65 0.05 18.98
N GLN E 170 -17.20 1.11 18.32
CA GLN E 170 -18.10 1.83 17.43
C GLN E 170 -18.55 0.90 16.31
N ASP E 171 -19.85 0.85 16.06
CA ASP E 171 -20.39 -0.10 15.08
C ASP E 171 -19.86 0.17 13.67
N SER E 172 -19.58 -0.91 12.95
CA SER E 172 -18.94 -0.81 11.63
C SER E 172 -19.81 -0.05 10.64
N LYS E 173 -21.11 -0.08 10.83
CA LYS E 173 -22.07 0.36 9.82
C LYS E 173 -22.73 1.69 10.18
N ASP E 174 -23.24 1.86 11.39
CA ASP E 174 -23.89 3.11 11.73
C ASP E 174 -23.09 3.94 12.73
N SER E 175 -21.91 3.49 13.14
CA SER E 175 -21.02 4.25 14.01
C SER E 175 -21.63 4.56 15.37
N THR E 176 -22.65 3.82 15.81
CA THR E 176 -23.17 4.06 17.15
C THR E 176 -22.43 3.22 18.19
N TYR E 177 -22.68 3.54 19.44
CA TYR E 177 -22.24 2.76 20.59
C TYR E 177 -23.45 2.09 21.23
N SER E 178 -23.15 1.06 22.04
CA SER E 178 -24.10 0.48 22.96
C SER E 178 -23.41 0.28 24.30
N LEU E 179 -24.16 0.41 25.38
CA LEU E 179 -23.63 0.36 26.74
C LEU E 179 -24.50 -0.54 27.58
N SER E 180 -23.84 -1.34 28.40
CA SER E 180 -24.48 -2.25 29.33
C SER E 180 -24.02 -1.89 30.72
N SER E 181 -24.98 -1.64 31.62
CA SER E 181 -24.72 -1.34 33.02
C SER E 181 -25.40 -2.39 33.88
N THR E 182 -24.66 -2.95 34.85
CA THR E 182 -25.20 -3.99 35.73
C THR E 182 -25.11 -3.57 37.19
N LEU E 183 -26.26 -3.47 37.84
CA LEU E 183 -26.32 -3.25 39.27
C LEU E 183 -26.42 -4.62 39.97
N THR E 184 -25.54 -4.86 40.93
CA THR E 184 -25.50 -6.17 41.57
C THR E 184 -25.81 -6.02 43.05
N LEU E 185 -26.81 -6.76 43.52
CA LEU E 185 -27.24 -6.67 44.90
C LEU E 185 -27.36 -8.05 45.52
N SER E 186 -27.38 -8.07 46.85
CA SER E 186 -27.81 -9.27 47.54
C SER E 186 -29.24 -9.59 47.20
N LYS E 187 -29.55 -10.88 47.23
CA LYS E 187 -30.96 -11.24 47.17
C LYS E 187 -31.71 -10.55 48.30
N ALA E 188 -31.11 -10.57 49.51
CA ALA E 188 -31.69 -9.89 50.65
C ALA E 188 -31.91 -8.41 50.36
N ASP E 189 -30.87 -7.70 49.95
CA ASP E 189 -30.99 -6.29 49.60
C ASP E 189 -32.00 -6.07 48.51
N TYR E 190 -31.99 -6.92 47.49
CA TYR E 190 -32.93 -6.79 46.39
C TYR E 190 -34.39 -6.86 46.85
N GLU E 191 -34.68 -7.62 47.90
CA GLU E 191 -36.08 -7.78 48.28
C GLU E 191 -36.54 -6.85 49.40
N LYS E 192 -35.64 -6.01 49.91
CA LYS E 192 -35.99 -4.87 50.78
C LYS E 192 -36.69 -3.74 50.02
N HIS E 193 -36.58 -3.68 48.70
CA HIS E 193 -36.98 -2.48 47.98
C HIS E 193 -37.94 -2.82 46.85
N LYS E 194 -38.53 -1.77 46.31
CA LYS E 194 -39.63 -1.93 45.37
C LYS E 194 -39.32 -1.41 43.98
N VAL E 195 -38.90 -0.15 43.87
CA VAL E 195 -38.74 0.51 42.59
C VAL E 195 -37.27 0.49 42.19
N TYR E 196 -36.97 -0.18 41.08
CA TYR E 196 -35.63 -0.24 40.51
C TYR E 196 -35.63 0.57 39.23
N ALA E 197 -34.76 1.57 39.16
CA ALA E 197 -34.80 2.53 38.08
C ALA E 197 -33.42 2.71 37.43
N CYS E 198 -33.41 2.85 36.10
CA CYS E 198 -32.22 3.18 35.34
C CYS E 198 -32.47 4.50 34.63
N GLU E 199 -31.77 5.55 35.07
CA GLU E 199 -31.93 6.90 34.55
C GLU E 199 -30.75 7.25 33.65
N VAL E 200 -31.04 7.67 32.42
CA VAL E 200 -30.04 7.89 31.37
C VAL E 200 -30.01 9.36 31.00
N THR E 201 -28.83 9.97 31.06
CA THR E 201 -28.59 11.33 30.61
C THR E 201 -27.68 11.26 29.40
N HIS E 202 -28.10 11.89 28.31
CA HIS E 202 -27.34 11.82 27.07
C HIS E 202 -27.65 13.03 26.21
N GLN E 203 -26.69 13.41 25.38
CA GLN E 203 -26.83 14.61 24.56
C GLN E 203 -28.04 14.53 23.64
N GLY E 204 -28.37 13.34 23.14
CA GLY E 204 -29.53 13.26 22.29
C GLY E 204 -30.86 13.24 22.98
N LEU E 205 -30.91 13.27 24.31
CA LEU E 205 -32.17 13.31 25.06
C LEU E 205 -32.35 14.71 25.62
N SER E 206 -33.51 15.33 25.33
CA SER E 206 -33.73 16.70 25.79
C SER E 206 -33.87 16.75 27.30
N SER E 207 -34.27 15.66 27.93
CA SER E 207 -34.19 15.51 29.38
C SER E 207 -34.00 14.03 29.69
N PRO E 208 -33.35 13.71 30.81
CA PRO E 208 -32.94 12.32 31.05
C PRO E 208 -34.12 11.37 30.97
N VAL E 209 -33.84 10.13 30.55
CA VAL E 209 -34.88 9.12 30.39
C VAL E 209 -34.68 8.04 31.44
N THR E 210 -35.79 7.56 32.00
CA THR E 210 -35.76 6.58 33.06
C THR E 210 -36.62 5.40 32.67
N LYS E 211 -36.06 4.21 32.80
CA LYS E 211 -36.82 2.99 32.74
C LYS E 211 -36.83 2.38 34.13
N SER E 212 -37.97 1.85 34.54
CA SER E 212 -38.07 1.32 35.89
C SER E 212 -39.00 0.12 35.91
N PHE E 213 -38.86 -0.67 36.97
CA PHE E 213 -39.79 -1.76 37.23
C PHE E 213 -40.02 -1.83 38.73
N ASN E 214 -41.14 -2.44 39.11
CA ASN E 214 -41.46 -2.74 40.48
C ASN E 214 -41.26 -4.23 40.71
N ARG E 215 -40.44 -4.57 41.70
CA ARG E 215 -40.16 -5.97 41.98
C ARG E 215 -41.45 -6.67 42.39
N GLY E 216 -41.77 -7.75 41.69
CA GLY E 216 -43.00 -8.47 41.94
C GLY E 216 -44.22 -8.01 41.18
N GLU E 217 -44.07 -7.15 40.17
CA GLU E 217 -45.21 -6.58 39.45
C GLU E 217 -45.13 -6.73 37.93
N GLU F 1 7.12 -16.66 3.92
CA GLU F 1 6.89 -15.73 4.99
C GLU F 1 7.82 -15.63 6.23
N GLN F 2 8.11 -14.39 6.59
CA GLN F 2 8.66 -14.11 7.89
C GLN F 2 7.50 -13.96 8.86
N GLN F 3 7.67 -14.57 10.02
CA GLN F 3 6.58 -14.82 10.94
C GLN F 3 7.09 -14.89 12.37
N LEU F 4 6.27 -14.40 13.30
CA LEU F 4 6.52 -14.53 14.73
C LEU F 4 5.27 -15.12 15.37
N VAL F 5 5.46 -16.16 16.20
CA VAL F 5 4.37 -16.85 16.87
C VAL F 5 4.72 -16.98 18.35
N GLU F 6 3.88 -16.37 19.20
CA GLU F 6 4.03 -16.39 20.64
C GLU F 6 3.29 -17.60 21.25
N SER F 7 3.90 -18.22 22.25
CA SER F 7 3.20 -19.28 22.96
C SER F 7 3.58 -19.20 24.43
N GLY F 8 2.97 -20.08 25.23
CA GLY F 8 3.22 -20.14 26.65
C GLY F 8 2.26 -19.32 27.48
N GLY F 9 1.29 -18.64 26.85
CA GLY F 9 0.32 -17.89 27.61
C GLY F 9 -0.67 -18.81 28.30
N GLY F 10 -1.38 -18.25 29.27
CA GLY F 10 -2.31 -19.01 30.09
C GLY F 10 -2.50 -18.33 31.43
N VAL F 11 -3.08 -19.06 32.37
CA VAL F 11 -3.28 -18.57 33.73
C VAL F 11 -2.08 -18.92 34.60
N VAL F 12 -1.59 -17.94 35.35
CA VAL F 12 -0.49 -18.13 36.29
C VAL F 12 -0.89 -17.49 37.61
N GLN F 13 -0.44 -18.09 38.72
CA GLN F 13 -0.81 -17.55 40.01
C GLN F 13 0.10 -16.39 40.41
N PRO F 14 -0.41 -15.44 41.18
CA PRO F 14 0.44 -14.32 41.62
C PRO F 14 1.64 -14.81 42.40
N GLY F 15 2.77 -14.13 42.20
CA GLY F 15 4.02 -14.49 42.84
C GLY F 15 4.84 -15.54 42.12
N ARG F 16 4.27 -16.18 41.09
CA ARG F 16 4.92 -17.26 40.38
C ARG F 16 5.63 -16.73 39.14
N SER F 17 6.19 -17.64 38.34
CA SER F 17 6.92 -17.30 37.14
C SER F 17 6.18 -17.87 35.94
N LEU F 18 6.52 -17.34 34.76
CA LEU F 18 6.01 -17.81 33.49
C LEU F 18 7.04 -17.56 32.39
N ARG F 19 7.25 -18.55 31.53
CA ARG F 19 8.15 -18.40 30.39
C ARG F 19 7.37 -18.39 29.08
N LEU F 20 7.54 -17.33 28.30
CA LEU F 20 6.91 -17.24 26.99
C LEU F 20 7.94 -17.46 25.90
N SER F 21 7.47 -18.00 24.78
CA SER F 21 8.31 -18.27 23.64
C SER F 21 7.78 -17.53 22.41
N CYS F 22 8.74 -17.08 21.59
CA CYS F 22 8.47 -16.47 20.31
C CYS F 22 9.17 -17.33 19.26
N ALA F 23 8.39 -18.02 18.43
CA ALA F 23 8.95 -18.86 17.38
C ALA F 23 9.03 -18.06 16.09
N ALA F 24 10.24 -17.84 15.60
CA ALA F 24 10.46 -17.15 14.34
C ALA F 24 10.61 -18.20 13.25
N SER F 25 10.03 -17.92 12.09
CA SER F 25 10.18 -18.77 10.93
C SER F 25 10.32 -17.87 9.70
N GLY F 26 11.08 -18.35 8.72
CA GLY F 26 11.20 -17.64 7.47
C GLY F 26 12.40 -16.73 7.41
N PHE F 27 13.20 -16.67 8.47
CA PHE F 27 14.38 -15.82 8.46
C PHE F 27 15.42 -16.38 9.43
N SER F 28 16.63 -15.85 9.29
CA SER F 28 17.81 -16.29 10.03
C SER F 28 18.09 -15.33 11.18
N PHE F 29 18.51 -15.89 12.32
CA PHE F 29 18.89 -15.04 13.44
C PHE F 29 20.32 -14.50 13.24
N SER F 30 20.79 -14.35 12.00
CA SER F 30 22.23 -14.18 11.83
C SER F 30 22.70 -12.77 12.19
N SER F 31 22.13 -11.75 11.57
CA SER F 31 22.55 -10.40 11.92
C SER F 31 21.45 -9.45 11.46
N THR F 32 21.60 -8.20 11.86
CA THR F 32 20.68 -7.10 11.57
C THR F 32 19.35 -7.20 12.31
N TYR F 33 19.14 -8.19 13.19
CA TYR F 33 17.81 -8.37 13.79
C TYR F 33 17.86 -8.38 15.31
N TRP F 34 16.89 -7.68 15.91
CA TRP F 34 16.61 -7.73 17.33
C TRP F 34 15.18 -8.19 17.48
N LEU F 35 14.90 -8.99 18.50
CA LEU F 35 13.52 -9.34 18.82
C LEU F 35 13.14 -8.71 20.15
N SER F 36 11.93 -8.15 20.23
CA SER F 36 11.42 -7.45 21.40
C SER F 36 10.10 -8.05 21.84
N TRP F 37 9.87 -7.98 23.17
CA TRP F 37 8.56 -8.26 23.74
C TRP F 37 7.84 -6.96 24.13
N VAL F 38 6.58 -6.86 23.73
CA VAL F 38 5.75 -5.70 24.03
C VAL F 38 4.45 -6.23 24.59
N ARG F 39 3.89 -5.56 25.59
CA ARG F 39 2.69 -6.06 26.22
C ARG F 39 1.62 -4.99 26.24
N GLN F 40 0.39 -5.44 26.43
CA GLN F 40 -0.76 -4.56 26.40
C GLN F 40 -1.83 -5.14 27.33
N ALA F 41 -2.12 -4.44 28.43
CA ALA F 41 -3.17 -4.88 29.31
C ALA F 41 -4.52 -4.60 28.64
N PRO F 42 -5.55 -5.33 29.00
CA PRO F 42 -6.86 -5.15 28.36
C PRO F 42 -7.37 -3.72 28.37
N GLY F 43 -7.59 -3.17 27.18
CA GLY F 43 -8.08 -1.81 27.08
C GLY F 43 -7.04 -0.74 27.36
N LYS F 44 -5.77 -1.09 27.41
CA LYS F 44 -4.76 -0.09 27.70
C LYS F 44 -3.71 -0.11 26.60
N GLY F 45 -2.57 0.56 26.87
CA GLY F 45 -1.64 0.90 25.84
C GLY F 45 -0.51 -0.11 25.70
N LEU F 46 0.27 0.10 24.65
CA LEU F 46 1.43 -0.73 24.43
C LEU F 46 2.50 -0.36 25.43
N GLU F 47 3.30 -1.34 25.81
CA GLU F 47 4.35 -1.13 26.80
C GLU F 47 5.54 -2.00 26.40
N TRP F 48 6.69 -1.38 26.20
CA TRP F 48 7.88 -2.09 25.76
C TRP F 48 8.62 -2.67 26.95
N ILE F 49 9.01 -3.94 26.83
CA ILE F 49 9.59 -4.71 27.94
C ILE F 49 11.10 -4.87 27.74
N ALA F 50 11.49 -5.52 26.65
CA ALA F 50 12.89 -5.86 26.47
C ALA F 50 13.12 -6.30 25.04
N ALA F 51 14.39 -6.32 24.66
CA ALA F 51 14.81 -6.76 23.35
C ALA F 51 16.13 -7.52 23.47
N ILE F 52 16.38 -8.36 22.46
CA ILE F 52 17.61 -9.14 22.35
C ILE F 52 18.09 -9.12 20.90
N TYR F 53 19.40 -8.92 20.71
CA TYR F 53 20.04 -9.10 19.42
C TYR F 53 20.18 -10.60 19.16
N VAL F 54 19.58 -11.07 18.06
CA VAL F 54 19.60 -12.52 17.84
C VAL F 54 20.92 -13.03 17.30
N GLY F 55 21.87 -12.14 17.01
CA GLY F 55 23.20 -12.53 16.51
C GLY F 55 24.12 -13.06 17.63
N SER F 56 25.33 -13.45 17.23
CA SER F 56 26.28 -14.09 18.15
C SER F 56 26.39 -13.37 19.48
N SER F 57 26.51 -12.04 19.42
CA SER F 57 26.74 -11.18 20.58
C SER F 57 25.65 -11.36 21.64
N GLY F 58 24.40 -11.53 21.21
CA GLY F 58 23.27 -11.79 22.09
C GLY F 58 22.95 -10.68 23.06
N ASN F 59 23.21 -9.43 22.68
CA ASN F 59 23.00 -8.33 23.61
C ASN F 59 21.54 -8.19 24.02
N THR F 60 21.34 -7.90 25.30
CA THR F 60 20.01 -7.72 25.86
C THR F 60 19.81 -6.26 26.23
N TYR F 61 18.55 -5.84 26.17
CA TYR F 61 18.10 -4.48 26.44
C TYR F 61 16.82 -4.55 27.26
N TYR F 62 16.78 -3.85 28.40
CA TYR F 62 15.67 -3.96 29.33
C TYR F 62 15.11 -2.58 29.63
N ALA F 63 13.79 -2.43 29.57
CA ALA F 63 13.16 -1.22 30.11
C ALA F 63 13.46 -1.12 31.60
N ASN F 64 13.63 0.13 32.07
CA ASN F 64 13.95 0.34 33.46
C ASN F 64 12.95 -0.34 34.37
N TRP F 65 11.66 -0.20 34.07
CA TRP F 65 10.65 -0.76 34.93
C TRP F 65 10.70 -2.29 34.97
N ALA F 66 11.22 -2.93 33.92
CA ALA F 66 11.24 -4.39 33.83
C ALA F 66 12.51 -5.03 34.44
N LYS F 67 13.55 -4.24 34.71
CA LYS F 67 14.82 -4.82 35.14
C LYS F 67 14.68 -5.59 36.44
N GLY F 68 15.27 -6.78 36.47
CA GLY F 68 15.27 -7.56 37.69
C GLY F 68 14.04 -8.41 37.91
N ARG F 69 13.06 -8.33 37.01
CA ARG F 69 11.90 -9.20 37.09
C ARG F 69 11.65 -9.95 35.79
N PHE F 70 12.25 -9.51 34.69
CA PHE F 70 12.12 -10.14 33.39
C PHE F 70 13.49 -10.51 32.84
N THR F 71 13.54 -11.63 32.12
CA THR F 71 14.78 -12.11 31.53
C THR F 71 14.46 -12.52 30.09
N ILE F 72 15.18 -11.93 29.14
CA ILE F 72 15.01 -12.24 27.72
C ILE F 72 16.22 -13.06 27.28
N SER F 73 15.97 -14.06 26.46
CA SER F 73 17.04 -14.95 26.06
C SER F 73 16.64 -15.59 24.74
N LYS F 74 17.57 -16.32 24.14
CA LYS F 74 17.31 -16.97 22.86
C LYS F 74 17.85 -18.39 22.89
N ASP F 75 17.28 -19.22 22.02
CA ASP F 75 17.69 -20.61 21.90
C ASP F 75 18.88 -20.71 20.95
N SER F 76 19.88 -21.51 21.32
CA SER F 76 21.03 -21.74 20.46
C SER F 76 20.75 -22.76 19.37
N SER F 77 19.72 -23.59 19.55
CA SER F 77 19.42 -24.73 18.69
C SER F 77 18.24 -24.49 17.74
N SER F 78 17.46 -23.44 17.94
CA SER F 78 16.37 -23.06 17.06
C SER F 78 16.28 -21.54 17.03
N THR F 79 15.40 -21.03 16.16
CA THR F 79 15.16 -19.59 16.01
C THR F 79 13.99 -19.14 16.92
N THR F 80 14.21 -19.28 18.22
CA THR F 80 13.20 -19.01 19.22
C THR F 80 13.78 -18.03 20.24
N VAL F 81 12.94 -17.11 20.70
CA VAL F 81 13.31 -16.17 21.73
C VAL F 81 12.40 -16.39 22.93
N PHE F 82 12.92 -16.16 24.15
CA PHE F 82 12.19 -16.42 25.37
C PHE F 82 12.07 -15.17 26.23
N LEU F 83 10.95 -15.07 26.94
CA LEU F 83 10.76 -14.06 27.98
C LEU F 83 10.39 -14.75 29.28
N GLN F 84 11.23 -14.58 30.29
CA GLN F 84 10.95 -15.09 31.63
C GLN F 84 10.45 -13.98 32.54
N MET F 85 9.28 -14.18 33.15
CA MET F 85 8.60 -13.18 33.95
C MET F 85 8.38 -13.72 35.35
N ASN F 86 8.94 -13.05 36.36
CA ASN F 86 8.88 -13.52 37.74
C ASN F 86 8.02 -12.63 38.63
N SER F 87 7.67 -13.16 39.80
CA SER F 87 6.97 -12.41 40.83
C SER F 87 5.72 -11.71 40.25
N LEU F 88 4.98 -12.49 39.46
CA LEU F 88 3.89 -11.94 38.66
C LEU F 88 2.80 -11.36 39.54
N ARG F 89 2.27 -10.22 39.12
CA ARG F 89 1.21 -9.51 39.83
C ARG F 89 0.03 -9.34 38.89
N ALA F 90 -1.12 -8.98 39.46
CA ALA F 90 -2.32 -8.88 38.64
C ALA F 90 -2.13 -7.84 37.53
N GLU F 91 -1.43 -6.75 37.83
CA GLU F 91 -1.20 -5.71 36.84
C GLU F 91 -0.33 -6.17 35.68
N ASP F 92 0.22 -7.38 35.75
CA ASP F 92 0.98 -7.99 34.68
C ASP F 92 0.11 -8.75 33.70
N THR F 93 -1.19 -8.85 33.99
CA THR F 93 -2.12 -9.41 33.02
C THR F 93 -2.14 -8.59 31.73
N ALA F 94 -1.93 -9.27 30.60
CA ALA F 94 -1.78 -8.56 29.33
C ALA F 94 -1.71 -9.56 28.21
N VAL F 95 -1.83 -9.05 27.00
CA VAL F 95 -1.41 -9.76 25.81
C VAL F 95 0.07 -9.44 25.61
N TYR F 96 0.86 -10.46 25.33
CA TYR F 96 2.30 -10.31 25.13
C TYR F 96 2.61 -10.54 23.66
N PHE F 97 3.21 -9.53 23.05
CA PHE F 97 3.60 -9.54 21.65
C PHE F 97 5.09 -9.74 21.50
N CYS F 98 5.47 -10.44 20.43
CA CYS F 98 6.83 -10.50 19.95
C CYS F 98 6.94 -9.66 18.68
N ALA F 99 8.01 -8.87 18.58
CA ALA F 99 8.17 -7.94 17.47
C ALA F 99 9.64 -7.79 17.10
N ARG F 100 9.90 -7.65 15.81
CA ARG F 100 11.25 -7.58 15.28
C ARG F 100 11.60 -6.18 14.81
N ALA F 101 12.85 -5.82 14.99
CA ALA F 101 13.39 -4.63 14.37
C ALA F 101 14.66 -5.03 13.65
N GLY F 102 14.94 -4.33 12.55
CA GLY F 102 16.19 -4.46 11.82
C GLY F 102 15.98 -5.01 10.42
N GLY F 103 17.09 -5.18 9.72
CA GLY F 103 17.05 -5.67 8.36
C GLY F 103 18.12 -5.01 7.51
N ALA F 104 17.90 -4.93 6.21
CA ALA F 104 18.92 -4.34 5.35
C ALA F 104 18.22 -3.63 4.22
N GLY F 105 18.73 -2.45 3.89
CA GLY F 105 18.21 -1.63 2.82
C GLY F 105 17.43 -0.43 3.29
N GLY F 106 17.02 -0.41 4.57
CA GLY F 106 16.24 0.66 5.15
C GLY F 106 17.01 1.86 5.60
N GLY F 107 18.34 1.84 5.49
CA GLY F 107 19.14 3.02 5.81
C GLY F 107 19.53 3.20 7.27
N VAL F 108 18.54 3.32 8.16
CA VAL F 108 18.77 3.40 9.59
C VAL F 108 17.74 2.53 10.29
N TYR F 109 18.19 1.77 11.29
CA TYR F 109 17.33 0.94 12.12
C TYR F 109 17.65 1.19 13.57
N THR F 110 16.59 1.22 14.41
CA THR F 110 16.73 1.16 15.86
C THR F 110 15.64 0.25 16.43
N LEU F 111 15.70 0.01 17.75
CA LEU F 111 14.66 -0.74 18.46
C LEU F 111 13.28 -0.09 18.40
N THR F 112 13.19 1.15 17.92
CA THR F 112 11.94 1.86 17.66
C THR F 112 11.29 1.47 16.33
N ARG F 113 11.97 0.71 15.49
CA ARG F 113 11.46 0.36 14.16
C ARG F 113 10.98 -1.08 14.16
N LEU F 114 9.83 -1.31 14.79
CA LEU F 114 9.27 -2.66 14.93
C LEU F 114 8.31 -2.91 13.78
N ASP F 115 8.78 -3.61 12.74
CA ASP F 115 7.98 -3.78 11.53
C ASP F 115 7.47 -5.20 11.30
N LEU F 116 7.62 -6.09 12.27
CA LEU F 116 7.11 -7.45 12.13
C LEU F 116 6.62 -7.89 13.50
N TRP F 117 5.35 -8.33 13.57
CA TRP F 117 4.71 -8.62 14.85
C TRP F 117 4.03 -9.98 14.82
N GLY F 118 4.00 -10.62 15.98
CA GLY F 118 3.11 -11.75 16.16
C GLY F 118 1.71 -11.30 16.52
N GLN F 119 0.80 -12.29 16.63
CA GLN F 119 -0.55 -11.97 17.06
C GLN F 119 -0.68 -11.84 18.57
N GLY F 120 0.32 -12.25 19.34
CA GLY F 120 0.30 -12.08 20.79
C GLY F 120 -0.34 -13.25 21.52
N THR F 121 0.10 -13.46 22.77
CA THR F 121 -0.47 -14.51 23.62
C THR F 121 -0.93 -13.90 24.94
N LEU F 122 -2.10 -14.33 25.42
CA LEU F 122 -2.69 -13.73 26.61
C LEU F 122 -2.16 -14.42 27.87
N VAL F 123 -1.68 -13.60 28.80
CA VAL F 123 -1.29 -14.03 30.15
C VAL F 123 -2.27 -13.46 31.15
N THR F 124 -2.84 -14.34 31.95
CA THR F 124 -3.76 -13.95 33.00
C THR F 124 -3.09 -14.31 34.32
N VAL F 125 -2.76 -13.30 35.12
CA VAL F 125 -2.24 -13.51 36.46
C VAL F 125 -3.43 -13.41 37.40
N SER F 126 -3.77 -14.51 38.06
CA SER F 126 -4.95 -14.57 38.92
C SER F 126 -4.88 -15.80 39.81
N SER F 127 -5.46 -15.67 40.99
CA SER F 127 -5.58 -16.81 41.90
C SER F 127 -6.94 -17.48 41.80
N ALA F 128 -7.81 -17.00 40.92
CA ALA F 128 -9.09 -17.64 40.69
C ALA F 128 -8.89 -19.02 40.07
N SER F 129 -9.93 -19.83 40.18
CA SER F 129 -9.93 -21.17 39.59
C SER F 129 -10.89 -21.21 38.41
N THR F 130 -10.56 -22.07 37.44
CA THR F 130 -11.36 -22.16 36.23
C THR F 130 -12.81 -22.52 36.55
N LYS F 131 -13.75 -21.78 35.97
CA LYS F 131 -15.16 -22.02 36.21
C LYS F 131 -15.96 -21.65 34.96
N GLY F 132 -16.86 -22.54 34.55
CA GLY F 132 -17.73 -22.27 33.43
C GLY F 132 -18.81 -21.29 33.85
N PRO F 133 -19.35 -20.55 32.89
CA PRO F 133 -20.27 -19.47 33.22
C PRO F 133 -21.65 -19.98 33.59
N SER F 134 -22.37 -19.15 34.33
CA SER F 134 -23.80 -19.30 34.55
C SER F 134 -24.53 -18.36 33.61
N VAL F 135 -25.51 -18.89 32.88
CA VAL F 135 -26.28 -18.14 31.89
C VAL F 135 -27.70 -17.93 32.38
N PHE F 136 -28.13 -16.66 32.46
CA PHE F 136 -29.45 -16.21 32.90
C PHE F 136 -30.12 -15.38 31.81
N PRO F 137 -31.44 -15.52 31.63
CA PRO F 137 -32.11 -14.76 30.57
C PRO F 137 -32.30 -13.30 30.95
N LEU F 138 -32.11 -12.43 29.97
CA LEU F 138 -32.56 -11.05 30.04
C LEU F 138 -33.86 -11.04 29.25
N ALA F 139 -34.95 -11.29 29.95
CA ALA F 139 -36.23 -11.52 29.29
C ALA F 139 -36.77 -10.23 28.70
N PRO F 140 -37.51 -10.32 27.59
CA PRO F 140 -38.13 -9.11 27.01
C PRO F 140 -39.37 -8.71 27.81
N SER F 141 -39.47 -7.42 28.12
CA SER F 141 -40.58 -6.95 28.94
C SER F 141 -41.88 -6.91 28.13
N SER F 142 -42.96 -7.27 28.80
CA SER F 142 -44.29 -7.29 28.18
C SER F 142 -45.34 -6.89 29.21
N THR F 149 -40.55 -2.58 18.75
CA THR F 149 -39.21 -3.16 18.83
C THR F 149 -38.84 -3.49 20.28
N ALA F 150 -38.31 -4.70 20.50
CA ALA F 150 -37.98 -5.21 21.83
C ALA F 150 -36.52 -5.63 21.94
N ALA F 151 -35.98 -5.54 23.15
CA ALA F 151 -34.65 -6.02 23.48
C ALA F 151 -34.72 -7.25 24.38
N LEU F 152 -33.87 -8.24 24.08
CA LEU F 152 -33.68 -9.39 24.94
C LEU F 152 -32.20 -9.78 24.92
N GLY F 153 -31.79 -10.60 25.87
CA GLY F 153 -30.40 -10.99 25.92
C GLY F 153 -30.11 -12.08 26.94
N CYS F 154 -28.81 -12.31 27.14
CA CYS F 154 -28.29 -13.32 28.05
C CYS F 154 -27.21 -12.71 28.94
N LEU F 155 -27.27 -13.04 30.22
CA LEU F 155 -26.24 -12.66 31.18
C LEU F 155 -25.28 -13.84 31.37
N VAL F 156 -24.02 -13.64 31.06
CA VAL F 156 -22.99 -14.67 31.18
C VAL F 156 -22.12 -14.27 32.38
N LYS F 157 -22.45 -14.83 33.55
CA LYS F 157 -21.92 -14.41 34.84
C LYS F 157 -21.04 -15.49 35.46
N ASP F 158 -19.97 -15.06 36.12
CA ASP F 158 -19.12 -15.90 36.97
C ASP F 158 -18.42 -17.00 36.18
N TYR F 159 -17.54 -16.58 35.27
CA TYR F 159 -16.67 -17.51 34.56
C TYR F 159 -15.24 -17.04 34.69
N PHE F 160 -14.31 -17.97 34.48
CA PHE F 160 -12.88 -17.67 34.52
C PHE F 160 -12.10 -18.74 33.79
N PRO F 161 -11.13 -18.38 32.95
CA PRO F 161 -10.67 -17.04 32.58
C PRO F 161 -11.29 -16.51 31.29
N GLU F 162 -10.82 -15.36 30.81
CA GLU F 162 -11.15 -14.96 29.45
C GLU F 162 -10.48 -15.92 28.47
N PRO F 163 -11.11 -16.19 27.32
CA PRO F 163 -12.35 -15.60 26.82
C PRO F 163 -13.58 -16.52 26.88
N VAL F 164 -14.72 -15.96 26.47
CA VAL F 164 -15.97 -16.67 26.29
C VAL F 164 -16.55 -16.26 24.93
N THR F 165 -17.22 -17.19 24.26
CA THR F 165 -17.89 -16.93 22.98
C THR F 165 -19.40 -16.91 23.20
N VAL F 166 -20.08 -16.02 22.49
CA VAL F 166 -21.53 -15.94 22.55
C VAL F 166 -22.05 -15.91 21.11
N SER F 167 -23.12 -16.64 20.84
CA SER F 167 -23.82 -16.53 19.56
C SER F 167 -25.31 -16.73 19.81
N TRP F 168 -26.10 -16.41 18.79
CA TRP F 168 -27.56 -16.48 18.87
C TRP F 168 -28.09 -17.40 17.78
N ASN F 169 -28.97 -18.33 18.17
CA ASN F 169 -29.56 -19.34 17.29
C ASN F 169 -28.49 -20.06 16.47
N SER F 170 -27.41 -20.45 17.15
CA SER F 170 -26.29 -21.16 16.54
C SER F 170 -25.68 -20.40 15.37
N GLY F 171 -25.86 -19.07 15.34
CA GLY F 171 -25.33 -18.25 14.26
C GLY F 171 -26.34 -17.82 13.22
N ALA F 172 -27.62 -18.21 13.35
CA ALA F 172 -28.64 -17.81 12.39
C ALA F 172 -29.14 -16.38 12.61
N LEU F 173 -29.05 -15.88 13.83
CA LEU F 173 -29.46 -14.52 14.16
C LEU F 173 -28.19 -13.70 14.34
N THR F 174 -27.93 -12.77 13.41
CA THR F 174 -26.70 -12.01 13.49
C THR F 174 -26.91 -10.50 13.60
N SER F 175 -27.96 -9.96 13.00
CA SER F 175 -28.15 -8.53 13.01
C SER F 175 -28.81 -8.09 14.31
N GLY F 176 -28.30 -6.99 14.86
CA GLY F 176 -28.80 -6.46 16.11
C GLY F 176 -28.16 -7.04 17.36
N VAL F 177 -27.18 -7.92 17.24
CA VAL F 177 -26.57 -8.51 18.42
C VAL F 177 -25.48 -7.58 18.94
N HIS F 178 -25.46 -7.36 20.25
CA HIS F 178 -24.37 -6.64 20.91
C HIS F 178 -23.88 -7.54 22.04
N THR F 179 -22.66 -8.04 21.92
CA THR F 179 -22.03 -8.76 23.03
C THR F 179 -21.01 -7.82 23.65
N PHE F 180 -21.15 -7.60 24.89
CA PHE F 180 -20.36 -6.54 25.49
C PHE F 180 -19.03 -7.06 25.99
N PRO F 181 -18.01 -6.21 26.05
CA PRO F 181 -16.77 -6.61 26.74
C PRO F 181 -17.09 -7.11 28.13
N ALA F 182 -16.42 -8.18 28.54
CA ALA F 182 -16.59 -8.65 29.89
C ALA F 182 -16.02 -7.64 30.86
N VAL F 183 -16.53 -7.65 32.07
CA VAL F 183 -15.95 -6.88 33.14
C VAL F 183 -15.51 -7.86 34.22
N LEU F 184 -14.37 -7.56 34.84
CA LEU F 184 -13.83 -8.39 35.91
C LEU F 184 -14.37 -7.86 37.23
N GLN F 185 -15.15 -8.68 37.92
CA GLN F 185 -15.76 -8.23 39.15
C GLN F 185 -14.88 -8.63 40.34
N SER F 186 -15.18 -8.04 41.51
CA SER F 186 -14.34 -8.18 42.69
C SER F 186 -14.17 -9.62 43.17
N SER F 187 -15.07 -10.52 42.77
CA SER F 187 -14.93 -11.94 43.09
C SER F 187 -13.75 -12.57 42.35
N GLY F 188 -13.16 -11.86 41.41
CA GLY F 188 -12.13 -12.44 40.56
C GLY F 188 -12.66 -13.16 39.34
N LEU F 189 -13.98 -13.21 39.17
CA LEU F 189 -14.60 -13.86 38.02
C LEU F 189 -15.08 -12.78 37.03
N TYR F 190 -15.20 -13.18 35.75
CA TYR F 190 -15.64 -12.26 34.72
C TYR F 190 -17.14 -12.35 34.51
N SER F 191 -17.71 -11.31 33.93
CA SER F 191 -19.13 -11.30 33.61
C SER F 191 -19.38 -10.40 32.42
N LEU F 192 -20.27 -10.84 31.54
CA LEU F 192 -20.67 -10.03 30.39
C LEU F 192 -22.13 -10.28 30.06
N SER F 193 -22.63 -9.44 29.17
CA SER F 193 -24.01 -9.49 28.71
C SER F 193 -23.99 -9.54 27.19
N SER F 194 -25.00 -10.21 26.62
CA SER F 194 -25.18 -10.26 25.19
C SER F 194 -26.65 -10.01 24.90
N VAL F 195 -26.95 -9.04 24.04
CA VAL F 195 -28.32 -8.63 23.76
C VAL F 195 -28.55 -8.63 22.25
N VAL F 196 -29.82 -8.79 21.88
CA VAL F 196 -30.24 -8.65 20.50
C VAL F 196 -31.51 -7.80 20.48
N THR F 197 -31.67 -7.03 19.41
CA THR F 197 -32.82 -6.17 19.20
C THR F 197 -33.79 -6.91 18.30
N VAL F 198 -35.08 -6.83 18.60
CA VAL F 198 -36.02 -7.67 17.86
C VAL F 198 -37.35 -6.94 17.67
N PRO F 199 -38.12 -7.25 16.62
CA PRO F 199 -39.45 -6.65 16.47
C PRO F 199 -40.41 -7.05 17.57
N SER F 200 -41.30 -6.10 17.92
CA SER F 200 -42.32 -6.36 18.93
C SER F 200 -43.18 -7.56 18.55
N SER F 201 -43.46 -7.73 17.25
CA SER F 201 -44.30 -8.82 16.74
C SER F 201 -43.58 -10.17 16.75
N SER F 202 -42.28 -10.17 17.04
CA SER F 202 -41.49 -11.40 17.00
C SER F 202 -41.67 -12.25 18.24
N LEU F 203 -42.06 -11.64 19.36
CA LEU F 203 -42.09 -12.32 20.65
C LEU F 203 -43.11 -13.45 20.64
N GLY F 204 -42.71 -14.59 21.20
CA GLY F 204 -43.61 -15.73 21.25
C GLY F 204 -43.78 -16.47 19.94
N THR F 205 -43.41 -15.87 18.81
CA THR F 205 -43.48 -16.56 17.53
C THR F 205 -42.16 -17.16 17.12
N GLN F 206 -41.04 -16.55 17.52
CA GLN F 206 -39.72 -17.07 17.21
C GLN F 206 -38.95 -17.24 18.51
N THR F 207 -38.37 -18.42 18.69
CA THR F 207 -37.64 -18.74 19.89
C THR F 207 -36.20 -18.24 19.80
N TYR F 208 -35.64 -17.83 20.94
CA TYR F 208 -34.31 -17.24 21.00
C TYR F 208 -33.42 -17.98 22.00
N ILE F 209 -32.25 -18.41 21.53
CA ILE F 209 -31.28 -19.14 22.34
C ILE F 209 -29.91 -18.49 22.17
N CYS F 210 -29.24 -18.21 23.28
CA CYS F 210 -27.84 -17.81 23.23
C CYS F 210 -26.94 -19.04 23.40
N ASN F 211 -25.85 -19.07 22.64
CA ASN F 211 -24.92 -20.18 22.63
C ASN F 211 -23.59 -19.71 23.20
N VAL F 212 -23.27 -20.15 24.41
CA VAL F 212 -22.13 -19.65 25.17
C VAL F 212 -21.06 -20.74 25.20
N ASN F 213 -19.84 -20.37 24.83
CA ASN F 213 -18.71 -21.29 24.81
C ASN F 213 -17.64 -20.77 25.74
N HIS F 214 -17.20 -21.62 26.67
CA HIS F 214 -16.05 -21.30 27.50
C HIS F 214 -15.00 -22.37 27.23
N LYS F 215 -14.19 -22.13 26.19
CA LYS F 215 -13.09 -23.03 25.85
C LYS F 215 -12.18 -23.36 27.03
N PRO F 216 -11.79 -22.41 27.90
CA PRO F 216 -10.89 -22.79 29.02
C PRO F 216 -11.49 -23.79 29.98
N SER F 217 -12.80 -23.73 30.23
CA SER F 217 -13.45 -24.65 31.17
C SER F 217 -14.17 -25.79 30.48
N ASN F 218 -14.12 -25.86 29.15
CA ASN F 218 -14.81 -26.90 28.39
C ASN F 218 -16.31 -26.89 28.67
N THR F 219 -16.86 -25.70 28.90
CA THR F 219 -18.28 -25.50 29.20
C THR F 219 -19.02 -25.02 27.95
N LYS F 220 -20.24 -25.52 27.78
CA LYS F 220 -21.13 -25.06 26.72
C LYS F 220 -22.55 -25.05 27.27
N VAL F 221 -23.22 -23.89 27.19
CA VAL F 221 -24.56 -23.71 27.72
C VAL F 221 -25.41 -23.07 26.64
N ASP F 222 -26.58 -23.66 26.39
CA ASP F 222 -27.60 -23.11 25.51
C ASP F 222 -28.84 -22.81 26.33
N LYS F 223 -29.23 -21.53 26.41
CA LYS F 223 -30.39 -21.10 27.18
C LYS F 223 -31.40 -20.42 26.27
N LYS F 224 -32.68 -20.72 26.48
CA LYS F 224 -33.78 -20.06 25.78
C LYS F 224 -34.20 -18.82 26.54
N VAL F 225 -34.32 -17.70 25.83
CA VAL F 225 -34.78 -16.43 26.38
C VAL F 225 -36.17 -16.19 25.83
N GLU F 226 -37.18 -16.24 26.69
CA GLU F 226 -38.55 -16.01 26.26
C GLU F 226 -39.28 -15.10 27.22
N PRO F 227 -40.38 -14.48 26.79
CA PRO F 227 -41.11 -13.55 27.65
C PRO F 227 -41.56 -14.19 28.96
N LYS F 228 -41.74 -13.34 29.97
CA LYS F 228 -42.15 -13.80 31.31
C LYS F 228 -43.65 -13.67 31.54
C1 NAG G . 36.29 0.04 18.17
C2 NAG G . 36.29 0.16 19.68
C3 NAG G . 37.69 -0.10 20.23
C4 NAG G . 38.15 -1.48 19.81
C5 NAG G . 38.08 -1.64 18.28
C6 NAG G . 38.33 -3.07 17.85
C7 NAG G . 36.20 2.63 19.80
C8 NAG G . 35.48 3.81 20.40
N2 NAG G . 35.74 1.43 20.15
O3 NAG G . 37.70 -0.01 21.66
O4 NAG G . 39.47 -1.74 20.27
O5 NAG G . 36.78 -1.29 17.78
O6 NAG G . 37.88 -3.33 16.52
O7 NAG G . 37.17 2.78 19.05
C1 NAG H . 43.59 -10.55 -5.38
C2 NAG H . 44.90 -10.79 -6.15
C3 NAG H . 45.49 -12.16 -5.79
C4 NAG H . 45.61 -12.31 -4.27
C5 NAG H . 44.26 -12.04 -3.61
C6 NAG H . 44.32 -12.09 -2.09
C7 NAG H . 45.14 -9.67 -8.32
C8 NAG H . 44.82 -9.73 -9.78
N2 NAG H . 44.69 -10.69 -7.58
O3 NAG H . 46.76 -12.29 -6.39
O4 NAG H . 46.08 -13.62 -3.94
O5 NAG H . 43.81 -10.74 -3.98
O6 NAG H . 43.23 -11.38 -1.51
O7 NAG H . 45.78 -8.74 -7.83
#